data_2N5O
# 
_entry.id   2N5O 
# 
_audit_conform.dict_name       mmcif_pdbx.dic 
_audit_conform.dict_version    5.391 
_audit_conform.dict_location   http://mmcif.pdb.org/dictionaries/ascii/mmcif_pdbx.dic 
# 
loop_
_database_2.database_code 
_database_2.database_id 
_database_2.pdbx_database_accession 
_database_2.pdbx_DOI 
RCSB104453   RCSB  ?            ?                   
2N5O         PDB   pdb_00002n5o 10.2210/pdb2n5o/pdb 
25723        BMRB  ?            10.13018/BMR25723   
D_1000104453 WWPDB ?            ?                   
# 
loop_
_pdbx_audit_revision_history.ordinal 
_pdbx_audit_revision_history.data_content_type 
_pdbx_audit_revision_history.major_revision 
_pdbx_audit_revision_history.minor_revision 
_pdbx_audit_revision_history.revision_date 
1 'Structure model' 1 0 2016-09-07 
2 'Structure model' 1 1 2016-12-28 
3 'Structure model' 1 2 2024-05-01 
# 
_pdbx_audit_revision_details.ordinal             1 
_pdbx_audit_revision_details.revision_ordinal    1 
_pdbx_audit_revision_details.data_content_type   'Structure model' 
_pdbx_audit_revision_details.provider            repository 
_pdbx_audit_revision_details.type                'Initial release' 
_pdbx_audit_revision_details.description         ? 
_pdbx_audit_revision_details.details             ? 
# 
loop_
_pdbx_audit_revision_group.ordinal 
_pdbx_audit_revision_group.revision_ordinal 
_pdbx_audit_revision_group.data_content_type 
_pdbx_audit_revision_group.group 
1 2 'Structure model' 'Database references'  
2 3 'Structure model' 'Data collection'      
3 3 'Structure model' 'Database references'  
4 3 'Structure model' 'Derived calculations' 
# 
loop_
_pdbx_audit_revision_category.ordinal 
_pdbx_audit_revision_category.revision_ordinal 
_pdbx_audit_revision_category.data_content_type 
_pdbx_audit_revision_category.category 
1 3 'Structure model' chem_comp_atom        
2 3 'Structure model' chem_comp_bond        
3 3 'Structure model' database_2            
4 3 'Structure model' pdbx_nmr_software     
5 3 'Structure model' pdbx_nmr_spectrometer 
6 3 'Structure model' struct_conn           
7 3 'Structure model' struct_site           
# 
loop_
_pdbx_audit_revision_item.ordinal 
_pdbx_audit_revision_item.revision_ordinal 
_pdbx_audit_revision_item.data_content_type 
_pdbx_audit_revision_item.item 
1 3 'Structure model' '_database_2.pdbx_DOI'                
2 3 'Structure model' '_database_2.pdbx_database_accession' 
3 3 'Structure model' '_pdbx_nmr_software.name'             
4 3 'Structure model' '_pdbx_nmr_spectrometer.model'        
5 3 'Structure model' '_struct_conn.pdbx_leaving_atom_flag' 
6 3 'Structure model' '_struct_site.pdbx_auth_asym_id'      
7 3 'Structure model' '_struct_site.pdbx_auth_comp_id'      
8 3 'Structure model' '_struct_site.pdbx_auth_seq_id'       
# 
_pdbx_database_status.deposit_site                    BMRB 
_pdbx_database_status.entry_id                        2N5O 
_pdbx_database_status.process_site                    RCSB 
_pdbx_database_status.recvd_initial_deposition_date   2015-07-23 
_pdbx_database_status.SG_entry                        ? 
_pdbx_database_status.status_code                     REL 
_pdbx_database_status.status_code_mr                  REL 
_pdbx_database_status.status_code_sf                  ? 
_pdbx_database_status.status_code_cs                  REL 
_pdbx_database_status.methods_development_category    ? 
_pdbx_database_status.pdb_format_compatible           Y 
_pdbx_database_status.status_code_nmr_data            ? 
# 
loop_
_pdbx_database_related.db_id 
_pdbx_database_related.db_name 
_pdbx_database_related.content_type 
_pdbx_database_related.details 
25723 BMRB unspecified . 
2N5P  PDB  unspecified . 
# 
loop_
_audit_author.name 
_audit_author.pdbx_ordinal 
'Spring-Connell, A.M.' 1 
'Evich, M.G.'          2 
'Seela, F.'            3 
'Germann, M.W.'        4 
# 
_citation.id                        primary 
_citation.title                     
;Using NMR and molecular dynamics to link structure and dynamics effects of the universal base 8-aza, 7-deaza, N8 linked adenosine analog.
;
_citation.journal_abbrev            'Nucleic Acids Res.' 
_citation.journal_volume            44 
_citation.page_first                8576 
_citation.page_last                 8587 
_citation.year                      2016 
_citation.journal_id_ASTM           NARHAD 
_citation.country                   UK 
_citation.journal_id_ISSN           0305-1048 
_citation.journal_id_CSD            0389 
_citation.book_publisher            ? 
_citation.pdbx_database_id_PubMed   27566150 
_citation.pdbx_database_id_DOI      10.1093/nar/gkw736 
# 
loop_
_citation_author.citation_id 
_citation_author.name 
_citation_author.ordinal 
_citation_author.identifier_ORCID 
primary 'Spring-Connell, A.M.' 1 ? 
primary 'Evich, M.G.'          2 ? 
primary 'Debelak, H.'          3 ? 
primary 'Seela, F.'            4 ? 
primary 'Germann, M.W.'        5 ? 
# 
loop_
_entity.id 
_entity.type 
_entity.src_method 
_entity.pdbx_description 
_entity.formula_weight 
_entity.pdbx_number_of_molecules 
_entity.pdbx_ec 
_entity.pdbx_mutation 
_entity.pdbx_fragment 
_entity.details 
1 polymer syn "DNA_(5'-D(*AP*TP*GP*GP*(4EN)P*GP*CP*TP*C)-3')" 2755.823 1 ? ? ? ? 
2 polymer syn "DNA_(5'-D(*GP*AP*GP*CP*TP*CP*CP*AP*T)-3')"     2715.799 1 ? ? ? ? 
# 
loop_
_entity_poly.entity_id 
_entity_poly.type 
_entity_poly.nstd_linkage 
_entity_poly.nstd_monomer 
_entity_poly.pdbx_seq_one_letter_code 
_entity_poly.pdbx_seq_one_letter_code_can 
_entity_poly.pdbx_strand_id 
_entity_poly.pdbx_target_identifier 
1 polydeoxyribonucleotide no yes '(DA)(DT)(DG)(DG)(4EN)(DG)(DC)(DT)(DC)' ATGGXGCTC A ? 
2 polydeoxyribonucleotide no no  '(DG)(DA)(DG)(DC)(DT)(DC)(DC)(DA)(DT)'  GAGCTCCAT B ? 
# 
loop_
_entity_poly_seq.entity_id 
_entity_poly_seq.num 
_entity_poly_seq.mon_id 
_entity_poly_seq.hetero 
1 1 DA  n 
1 2 DT  n 
1 3 DG  n 
1 4 DG  n 
1 5 4EN n 
1 6 DG  n 
1 7 DC  n 
1 8 DT  n 
1 9 DC  n 
2 1 DG  n 
2 2 DA  n 
2 3 DG  n 
2 4 DC  n 
2 5 DT  n 
2 6 DC  n 
2 7 DC  n 
2 8 DA  n 
2 9 DT  n 
# 
loop_
_pdbx_entity_src_syn.entity_id 
_pdbx_entity_src_syn.pdbx_src_id 
_pdbx_entity_src_syn.pdbx_alt_source_flag 
_pdbx_entity_src_syn.pdbx_beg_seq_num 
_pdbx_entity_src_syn.pdbx_end_seq_num 
_pdbx_entity_src_syn.organism_scientific 
_pdbx_entity_src_syn.organism_common_name 
_pdbx_entity_src_syn.ncbi_taxonomy_id 
_pdbx_entity_src_syn.details 
1 1 sample ? ? 'synthetic construct' ? 32630 ? 
2 1 sample ? ? 'synthetic construct' ? 32630 ? 
# 
loop_
_chem_comp.id 
_chem_comp.type 
_chem_comp.mon_nstd_flag 
_chem_comp.name 
_chem_comp.pdbx_synonyms 
_chem_comp.formula 
_chem_comp.formula_weight 
4EN 'DNA linking' . '[(2R,3S,5R)-5-(4-azanylpyrazolo[3,4-d]pyrimidin-2-yl)-3-oxidanyl-oxolan-2-yl]methyl dihydrogen phosphate' ? 
'C10 H14 N5 O6 P' 331.222 
DA  'DNA linking' y "2'-DEOXYADENOSINE-5'-MONOPHOSPHATE"                                                                       ? 
'C10 H14 N5 O6 P' 331.222 
DC  'DNA linking' y "2'-DEOXYCYTIDINE-5'-MONOPHOSPHATE"                                                                        ? 
'C9 H14 N3 O7 P'  307.197 
DG  'DNA linking' y "2'-DEOXYGUANOSINE-5'-MONOPHOSPHATE"                                                                       ? 
'C10 H14 N5 O7 P' 347.221 
DT  'DNA linking' y "THYMIDINE-5'-MONOPHOSPHATE"                                                                               ? 
'C10 H15 N2 O8 P' 322.208 
# 
loop_
_pdbx_poly_seq_scheme.asym_id 
_pdbx_poly_seq_scheme.entity_id 
_pdbx_poly_seq_scheme.seq_id 
_pdbx_poly_seq_scheme.mon_id 
_pdbx_poly_seq_scheme.ndb_seq_num 
_pdbx_poly_seq_scheme.pdb_seq_num 
_pdbx_poly_seq_scheme.auth_seq_num 
_pdbx_poly_seq_scheme.pdb_mon_id 
_pdbx_poly_seq_scheme.auth_mon_id 
_pdbx_poly_seq_scheme.pdb_strand_id 
_pdbx_poly_seq_scheme.pdb_ins_code 
_pdbx_poly_seq_scheme.hetero 
A 1 1 DA  1 1  1  DA  DA  A . n 
A 1 2 DT  2 2  2  DT  DT  A . n 
A 1 3 DG  3 3  3  DG  DG  A . n 
A 1 4 DG  4 4  4  DG  DG  A . n 
A 1 5 4EN 5 5  5  4EN 4EN A . n 
A 1 6 DG  6 6  6  DG  DG  A . n 
A 1 7 DC  7 7  7  DC  DC  A . n 
A 1 8 DT  8 8  8  DT  DT  A . n 
A 1 9 DC  9 9  9  DC  DC  A . n 
B 2 1 DG  1 10 10 DG  DG  B . n 
B 2 2 DA  2 11 11 DA  DA  B . n 
B 2 3 DG  3 12 12 DG  DG  B . n 
B 2 4 DC  4 13 13 DC  DC  B . n 
B 2 5 DT  5 14 14 DT  DT  B . n 
B 2 6 DC  6 15 15 DC  DC  B . n 
B 2 7 DC  7 16 16 DC  DC  B . n 
B 2 8 DA  8 17 17 DA  DA  B . n 
B 2 9 DT  9 18 18 DT  DT  B . n 
# 
_exptl.absorpt_coefficient_mu     ? 
_exptl.absorpt_correction_T_max   ? 
_exptl.absorpt_correction_T_min   ? 
_exptl.absorpt_correction_type    ? 
_exptl.absorpt_process_details    ? 
_exptl.crystals_number            ? 
_exptl.details                    'Oligonucleotide containing a (4EN) at position 5.' 
_exptl.entry_id                   2N5O 
_exptl.method                     'SOLUTION NMR' 
_exptl.method_details             ? 
# 
_struct.entry_id                  2N5O 
_struct.title                     'Universal Base oligonucleotide structure' 
_struct.pdbx_model_details        'fewest violations, model1' 
_struct.pdbx_CASP_flag            ? 
_struct.pdbx_model_type_details   ? 
# 
_struct_keywords.entry_id        2N5O 
_struct_keywords.pdbx_keywords   DNA 
_struct_keywords.text            'Nucleic Acid, DNA, Universal Base, Synthetic Base' 
# 
loop_
_struct_asym.id 
_struct_asym.pdbx_blank_PDB_chainid_flag 
_struct_asym.pdbx_modified 
_struct_asym.entity_id 
_struct_asym.details 
A N N 1 ? 
B N N 2 ? 
# 
loop_
_struct_ref.id 
_struct_ref.db_name 
_struct_ref.db_code 
_struct_ref.pdbx_db_accession 
_struct_ref.entity_id 
_struct_ref.pdbx_align_begin 
_struct_ref.pdbx_seq_one_letter_code 
_struct_ref.pdbx_db_isoform 
1 PDB 2N5O 2N5O 1 ? ? ? 
2 PDB 2N5O 2N5O 2 ? ? ? 
# 
loop_
_struct_ref_seq.align_id 
_struct_ref_seq.ref_id 
_struct_ref_seq.pdbx_PDB_id_code 
_struct_ref_seq.pdbx_strand_id 
_struct_ref_seq.seq_align_beg 
_struct_ref_seq.pdbx_seq_align_beg_ins_code 
_struct_ref_seq.seq_align_end 
_struct_ref_seq.pdbx_seq_align_end_ins_code 
_struct_ref_seq.pdbx_db_accession 
_struct_ref_seq.db_align_beg 
_struct_ref_seq.pdbx_db_align_beg_ins_code 
_struct_ref_seq.db_align_end 
_struct_ref_seq.pdbx_db_align_end_ins_code 
_struct_ref_seq.pdbx_auth_seq_align_beg 
_struct_ref_seq.pdbx_auth_seq_align_end 
1 1 2N5O A 1 ? 9 ? 2N5O 1  ? 9  ? 1  9  
2 2 2N5O B 1 ? 9 ? 2N5O 10 ? 18 ? 10 18 
# 
_pdbx_struct_assembly.id                   1 
_pdbx_struct_assembly.details              author_defined_assembly 
_pdbx_struct_assembly.method_details       ? 
_pdbx_struct_assembly.oligomeric_details   dimeric 
_pdbx_struct_assembly.oligomeric_count     2 
# 
_pdbx_struct_assembly_gen.assembly_id       1 
_pdbx_struct_assembly_gen.oper_expression   1 
_pdbx_struct_assembly_gen.asym_id_list      A,B 
# 
_pdbx_struct_oper_list.id                   1 
_pdbx_struct_oper_list.type                 'identity operation' 
_pdbx_struct_oper_list.name                 1_555 
_pdbx_struct_oper_list.symmetry_operation   x,y,z 
_pdbx_struct_oper_list.matrix[1][1]         1.0000000000 
_pdbx_struct_oper_list.matrix[1][2]         0.0000000000 
_pdbx_struct_oper_list.matrix[1][3]         0.0000000000 
_pdbx_struct_oper_list.vector[1]            0.0000000000 
_pdbx_struct_oper_list.matrix[2][1]         0.0000000000 
_pdbx_struct_oper_list.matrix[2][2]         1.0000000000 
_pdbx_struct_oper_list.matrix[2][3]         0.0000000000 
_pdbx_struct_oper_list.vector[2]            0.0000000000 
_pdbx_struct_oper_list.matrix[3][1]         0.0000000000 
_pdbx_struct_oper_list.matrix[3][2]         0.0000000000 
_pdbx_struct_oper_list.matrix[3][3]         1.0000000000 
_pdbx_struct_oper_list.vector[3]            0.0000000000 
# 
_struct_biol.id        1 
_struct_biol.details   ? 
# 
loop_
_struct_conn.id 
_struct_conn.conn_type_id 
_struct_conn.pdbx_leaving_atom_flag 
_struct_conn.pdbx_PDB_id 
_struct_conn.ptnr1_label_asym_id 
_struct_conn.ptnr1_label_comp_id 
_struct_conn.ptnr1_label_seq_id 
_struct_conn.ptnr1_label_atom_id 
_struct_conn.pdbx_ptnr1_label_alt_id 
_struct_conn.pdbx_ptnr1_PDB_ins_code 
_struct_conn.pdbx_ptnr1_standard_comp_id 
_struct_conn.ptnr1_symmetry 
_struct_conn.ptnr2_label_asym_id 
_struct_conn.ptnr2_label_comp_id 
_struct_conn.ptnr2_label_seq_id 
_struct_conn.ptnr2_label_atom_id 
_struct_conn.pdbx_ptnr2_label_alt_id 
_struct_conn.pdbx_ptnr2_PDB_ins_code 
_struct_conn.ptnr1_auth_asym_id 
_struct_conn.ptnr1_auth_comp_id 
_struct_conn.ptnr1_auth_seq_id 
_struct_conn.ptnr2_auth_asym_id 
_struct_conn.ptnr2_auth_comp_id 
_struct_conn.ptnr2_auth_seq_id 
_struct_conn.ptnr2_symmetry 
_struct_conn.pdbx_ptnr3_label_atom_id 
_struct_conn.pdbx_ptnr3_label_seq_id 
_struct_conn.pdbx_ptnr3_label_comp_id 
_struct_conn.pdbx_ptnr3_label_asym_id 
_struct_conn.pdbx_ptnr3_label_alt_id 
_struct_conn.pdbx_ptnr3_PDB_ins_code 
_struct_conn.details 
_struct_conn.pdbx_dist_value 
_struct_conn.pdbx_value_order 
_struct_conn.pdbx_role 
covale1  covale both ? A DG  4 "O3'" ? ? ? 1_555 A 4EN 5 P  ? ? A DG  4 A 4EN 5  1_555 ? ? ? ? ? ? ?            1.593 ? ? 
covale2  covale both ? A 4EN 5 "O3'" ? ? ? 1_555 A DG  6 P  ? ? A 4EN 5 A DG  6  1_555 ? ? ? ? ? ? ?            1.599 ? ? 
hydrog1  hydrog ?    ? A DA  1 N1    ? ? ? 1_555 B DT  9 N3 ? ? A DA  1 B DT  18 1_555 ? ? ? ? ? ? WATSON-CRICK ?     ? ? 
hydrog2  hydrog ?    ? A DA  1 N6    ? ? ? 1_555 B DT  9 O4 ? ? A DA  1 B DT  18 1_555 ? ? ? ? ? ? WATSON-CRICK ?     ? ? 
hydrog3  hydrog ?    ? A DT  2 N3    ? ? ? 1_555 B DA  8 N1 ? ? A DT  2 B DA  17 1_555 ? ? ? ? ? ? WATSON-CRICK ?     ? ? 
hydrog4  hydrog ?    ? A DT  2 O4    ? ? ? 1_555 B DA  8 N6 ? ? A DT  2 B DA  17 1_555 ? ? ? ? ? ? WATSON-CRICK ?     ? ? 
hydrog5  hydrog ?    ? A DG  3 N1    ? ? ? 1_555 B DC  7 N3 ? ? A DG  3 B DC  16 1_555 ? ? ? ? ? ? WATSON-CRICK ?     ? ? 
hydrog6  hydrog ?    ? A DG  3 N2    ? ? ? 1_555 B DC  7 O2 ? ? A DG  3 B DC  16 1_555 ? ? ? ? ? ? WATSON-CRICK ?     ? ? 
hydrog7  hydrog ?    ? A DG  3 O6    ? ? ? 1_555 B DC  7 N4 ? ? A DG  3 B DC  16 1_555 ? ? ? ? ? ? WATSON-CRICK ?     ? ? 
hydrog8  hydrog ?    ? A DG  4 N1    ? ? ? 1_555 B DC  6 N3 ? ? A DG  4 B DC  15 1_555 ? ? ? ? ? ? WATSON-CRICK ?     ? ? 
hydrog9  hydrog ?    ? A DG  4 N2    ? ? ? 1_555 B DC  6 O2 ? ? A DG  4 B DC  15 1_555 ? ? ? ? ? ? WATSON-CRICK ?     ? ? 
hydrog10 hydrog ?    ? A DG  4 O6    ? ? ? 1_555 B DC  6 N4 ? ? A DG  4 B DC  15 1_555 ? ? ? ? ? ? WATSON-CRICK ?     ? ? 
hydrog11 hydrog ?    ? A DG  6 N1    ? ? ? 1_555 B DC  4 N3 ? ? A DG  6 B DC  13 1_555 ? ? ? ? ? ? WATSON-CRICK ?     ? ? 
hydrog12 hydrog ?    ? A DG  6 N2    ? ? ? 1_555 B DC  4 O2 ? ? A DG  6 B DC  13 1_555 ? ? ? ? ? ? WATSON-CRICK ?     ? ? 
hydrog13 hydrog ?    ? A DG  6 O6    ? ? ? 1_555 B DC  4 N4 ? ? A DG  6 B DC  13 1_555 ? ? ? ? ? ? WATSON-CRICK ?     ? ? 
hydrog14 hydrog ?    ? A DC  7 N3    ? ? ? 1_555 B DG  3 N1 ? ? A DC  7 B DG  12 1_555 ? ? ? ? ? ? WATSON-CRICK ?     ? ? 
hydrog15 hydrog ?    ? A DC  7 N4    ? ? ? 1_555 B DG  3 O6 ? ? A DC  7 B DG  12 1_555 ? ? ? ? ? ? WATSON-CRICK ?     ? ? 
hydrog16 hydrog ?    ? A DC  7 O2    ? ? ? 1_555 B DG  3 N2 ? ? A DC  7 B DG  12 1_555 ? ? ? ? ? ? WATSON-CRICK ?     ? ? 
hydrog17 hydrog ?    ? A DT  8 N3    ? ? ? 1_555 B DA  2 N1 ? ? A DT  8 B DA  11 1_555 ? ? ? ? ? ? WATSON-CRICK ?     ? ? 
hydrog18 hydrog ?    ? A DT  8 O4    ? ? ? 1_555 B DA  2 N6 ? ? A DT  8 B DA  11 1_555 ? ? ? ? ? ? WATSON-CRICK ?     ? ? 
hydrog19 hydrog ?    ? A DC  9 N3    ? ? ? 1_555 B DG  1 N1 ? ? A DC  9 B DG  10 1_555 ? ? ? ? ? ? WATSON-CRICK ?     ? ? 
hydrog20 hydrog ?    ? A DC  9 N4    ? ? ? 1_555 B DG  1 O6 ? ? A DC  9 B DG  10 1_555 ? ? ? ? ? ? WATSON-CRICK ?     ? ? 
hydrog21 hydrog ?    ? A DC  9 O2    ? ? ? 1_555 B DG  1 N2 ? ? A DC  9 B DG  10 1_555 ? ? ? ? ? ? WATSON-CRICK ?     ? ? 
# 
loop_
_struct_conn_type.id 
_struct_conn_type.criteria 
_struct_conn_type.reference 
covale ? ? 
hydrog ? ? 
# 
_struct_site.id                   AC1 
_struct_site.pdbx_evidence_code   Software 
_struct_site.pdbx_auth_asym_id    A 
_struct_site.pdbx_auth_comp_id    4EN 
_struct_site.pdbx_auth_seq_id     5 
_struct_site.pdbx_auth_ins_code   ? 
_struct_site.pdbx_num_residues    3 
_struct_site.details              'BINDING SITE FOR RESIDUE 4EN A 5' 
# 
loop_
_struct_site_gen.id 
_struct_site_gen.site_id 
_struct_site_gen.pdbx_num_res 
_struct_site_gen.label_comp_id 
_struct_site_gen.label_asym_id 
_struct_site_gen.label_seq_id 
_struct_site_gen.pdbx_auth_ins_code 
_struct_site_gen.auth_comp_id 
_struct_site_gen.auth_asym_id 
_struct_site_gen.auth_seq_id 
_struct_site_gen.label_atom_id 
_struct_site_gen.label_alt_id 
_struct_site_gen.symmetry 
_struct_site_gen.details 
1 AC1 3 DG A 4 ? DG A 4  . ? 1_555 ? 
2 AC1 3 DG A 6 ? DG A 6  . ? 1_555 ? 
3 AC1 3 DT B 5 ? DT B 14 . ? 1_555 ? 
# 
loop_
_pdbx_validate_rmsd_angle.id 
_pdbx_validate_rmsd_angle.PDB_model_num 
_pdbx_validate_rmsd_angle.auth_atom_id_1 
_pdbx_validate_rmsd_angle.auth_asym_id_1 
_pdbx_validate_rmsd_angle.auth_comp_id_1 
_pdbx_validate_rmsd_angle.auth_seq_id_1 
_pdbx_validate_rmsd_angle.PDB_ins_code_1 
_pdbx_validate_rmsd_angle.label_alt_id_1 
_pdbx_validate_rmsd_angle.auth_atom_id_2 
_pdbx_validate_rmsd_angle.auth_asym_id_2 
_pdbx_validate_rmsd_angle.auth_comp_id_2 
_pdbx_validate_rmsd_angle.auth_seq_id_2 
_pdbx_validate_rmsd_angle.PDB_ins_code_2 
_pdbx_validate_rmsd_angle.label_alt_id_2 
_pdbx_validate_rmsd_angle.auth_atom_id_3 
_pdbx_validate_rmsd_angle.auth_asym_id_3 
_pdbx_validate_rmsd_angle.auth_comp_id_3 
_pdbx_validate_rmsd_angle.auth_seq_id_3 
_pdbx_validate_rmsd_angle.PDB_ins_code_3 
_pdbx_validate_rmsd_angle.label_alt_id_3 
_pdbx_validate_rmsd_angle.angle_value 
_pdbx_validate_rmsd_angle.angle_target_value 
_pdbx_validate_rmsd_angle.angle_deviation 
_pdbx_validate_rmsd_angle.angle_standard_deviation 
_pdbx_validate_rmsd_angle.linker_flag 
1  1 C5    A DA 1  ? ? C6    A DA 1  ? ? N1    A DA 1  ? ? 120.86 117.70 3.16  0.50 N 
2  1 N1    A DA 1  ? ? C6    A DA 1  ? ? N6    A DA 1  ? ? 114.58 118.60 -4.02 0.60 N 
3  1 "O4'" A DT 2  ? ? "C1'" A DT 2  ? ? N1    A DT 2  ? ? 110.25 108.30 1.95  0.30 N 
4  1 "O4'" A DG 3  ? ? "C1'" A DG 3  ? ? N9    A DG 3  ? ? 110.89 108.30 2.59  0.30 N 
5  1 "O4'" A DG 4  ? ? "C4'" A DG 4  ? ? "C3'" A DG 4  ? ? 111.01 106.00 5.01  0.60 N 
6  1 "O4'" A DG 6  ? ? "C1'" A DG 6  ? ? N9    A DG 6  ? ? 113.20 108.30 4.90  0.30 N 
7  1 "O4'" A DT 8  ? ? "C4'" A DT 8  ? ? "C3'" A DT 8  ? ? 110.18 106.00 4.18  0.60 N 
8  1 C6    A DT 8  ? ? C5    A DT 8  ? ? C7    A DT 8  ? ? 118.96 122.90 -3.94 0.60 N 
9  1 N3    A DC 9  ? ? C2    A DC 9  ? ? O2    A DC 9  ? ? 117.26 121.90 -4.64 0.70 N 
10 1 "O4'" B DA 11 ? ? "C1'" B DA 11 ? ? N9    B DA 11 ? ? 110.41 108.30 2.11  0.30 N 
11 1 C5    B DA 11 ? ? C6    B DA 11 ? ? N1    B DA 11 ? ? 121.21 117.70 3.51  0.50 N 
12 1 N3    B DC 15 ? ? C2    B DC 15 ? ? O2    B DC 15 ? ? 116.45 121.90 -5.45 0.70 N 
13 1 N3    B DC 16 ? ? C2    B DC 16 ? ? O2    B DC 16 ? ? 117.62 121.90 -4.28 0.70 N 
14 1 C4    B DA 17 ? ? C5    B DA 17 ? ? C6    B DA 17 ? ? 113.53 117.00 -3.47 0.50 N 
15 1 C5    B DA 17 ? ? C6    B DA 17 ? ? N1    B DA 17 ? ? 121.47 117.70 3.77  0.50 N 
16 1 N1    B DA 17 ? ? C6    B DA 17 ? ? N6    B DA 17 ? ? 113.42 118.60 -5.18 0.60 N 
17 1 "O4'" B DT 18 ? ? "C1'" B DT 18 ? ? N1    B DT 18 ? ? 112.23 108.30 3.93  0.30 N 
# 
loop_
_pdbx_validate_planes.id 
_pdbx_validate_planes.PDB_model_num 
_pdbx_validate_planes.auth_comp_id 
_pdbx_validate_planes.auth_asym_id 
_pdbx_validate_planes.auth_seq_id 
_pdbx_validate_planes.PDB_ins_code 
_pdbx_validate_planes.label_alt_id 
_pdbx_validate_planes.rmsd 
_pdbx_validate_planes.type 
1 1 DG A 4  ? ? 0.056 'SIDE CHAIN' 
2 1 DC A 7  ? ? 0.096 'SIDE CHAIN' 
3 1 DG B 10 ? ? 0.088 'SIDE CHAIN' 
4 1 DT B 18 ? ? 0.064 'SIDE CHAIN' 
# 
_pdbx_nmr_ensemble.average_constraint_violations_per_residue     ? 
_pdbx_nmr_ensemble.average_constraints_per_residue               ? 
_pdbx_nmr_ensemble.average_distance_constraint_violation         ? 
_pdbx_nmr_ensemble.average_torsion_angle_constraint_violation    ? 
_pdbx_nmr_ensemble.conformer_selection_criteria                  'back calculated data agree with experimental NOESY spectrum' 
_pdbx_nmr_ensemble.conformers_calculated_total_number            10 
_pdbx_nmr_ensemble.conformers_submitted_total_number             1 
_pdbx_nmr_ensemble.distance_constraint_violation_method          ? 
_pdbx_nmr_ensemble.entry_id                                      2N5O 
_pdbx_nmr_ensemble.maximum_distance_constraint_violation         ? 
_pdbx_nmr_ensemble.maximum_lower_distance_constraint_violation   ? 
_pdbx_nmr_ensemble.maximum_torsion_angle_constraint_violation    ? 
_pdbx_nmr_ensemble.maximum_upper_distance_constraint_violation   ? 
_pdbx_nmr_ensemble.torsion_angle_constraint_violation_method     ? 
# 
_pdbx_nmr_representative.conformer_id         1 
_pdbx_nmr_representative.entry_id             2N5O 
_pdbx_nmr_representative.selection_criteria   'fewest violations' 
# 
loop_
_pdbx_nmr_sample_details.contents 
_pdbx_nmr_sample_details.solution_id 
_pdbx_nmr_sample_details.solvent_system 
;1 mM DNA (5'-D(*AP*TP*GP*GP*(UB)P*GP*CP*TP*C)-3'), 1 mM DNA (5'-D(*GP*AP*GP*CP*TP*CP*CP*AP*T)-3'), 100 % 100% deuterium D2O, 100 mM sodium chloride, 10 mM sodium phosphate, 100% D2O
;
1 '100% D2O'        
;1 mM DNA (5'-D(*AP*TP*GP*GP*(UB)P*GP*CP*TP*C)-3'), 1 mM DNA (5'-D(*GP*AP*GP*CP*TP*CP*CP*AP*T)-3'), 100 mM sodium chloride, 10 mM sodium phosphate, 10 % 100% deuterium D2O, 90 % H2O, 90% H2O/10% D2O
;
2 '90% H2O/10% D2O' 
# 
loop_
_pdbx_nmr_exptl_sample.component 
_pdbx_nmr_exptl_sample.concentration 
_pdbx_nmr_exptl_sample.concentration_range 
_pdbx_nmr_exptl_sample.concentration_units 
_pdbx_nmr_exptl_sample.isotopic_labeling 
_pdbx_nmr_exptl_sample.solution_id 
;DNA (5'-D(*AP*TP*GP*GP*(4EN)P*GP*CP*TP*C)-3')-1
;
1   ? mM ?                1 
;DNA (5'-D(*GP*AP*GP*CP*TP*CP*CP*AP*T)-3')-2
;
1   ? mM ?                1 
D2O-3                                             100 ? %  '100% deuterium' 1 
'sodium chloride-4'                               100 ? mM ?                1 
'sodium phosphate-5'                              10  ? mM ?                1 
;DNA (5'-D(*AP*TP*GP*GP*(4EN)P*GP*CP*TP*C)-3')-6
;
1   ? mM ?                2 
;DNA (5'-D(*GP*AP*GP*CP*TP*CP*CP*AP*T)-3')-7
;
1   ? mM ?                2 
'sodium chloride-8'                               100 ? mM ?                2 
'sodium phosphate-9'                              10  ? mM ?                2 
D2O-10                                            10  ? %  '100% deuterium' 2 
H2O-11                                            90  ? %  ?                2 
# 
_pdbx_nmr_exptl_sample_conditions.conditions_id       1 
_pdbx_nmr_exptl_sample_conditions.ionic_strength      100 
_pdbx_nmr_exptl_sample_conditions.pH                  6.79 
_pdbx_nmr_exptl_sample_conditions.pressure            ambient 
_pdbx_nmr_exptl_sample_conditions.pressure_units      ? 
_pdbx_nmr_exptl_sample_conditions.temperature         294 
_pdbx_nmr_exptl_sample_conditions.temperature_units   K 
# 
loop_
_pdbx_nmr_exptl.conditions_id 
_pdbx_nmr_exptl.experiment_id 
_pdbx_nmr_exptl.solution_id 
_pdbx_nmr_exptl.type 
1 1  1 '2D 1H-1H NOESY 75 ms'               
1 2  1 '2D 1H-1H NOESY 150 ms'              
1 3  1 '2D 1H-1H NOESY 250 ms'              
1 4  1 '2D Low Flip COSY'                   
1 5  1 '2D 1H-13C HSQC'                     
1 6  1 '2D 1H-1H constant time NOESY'       
1 7  1 '2D 1H-1H TOCSY'                     
1 8  1 '2D 1H-31P CORR'                     
1 9  1 '1D 1H'                              
2 10 2 '1D 1H 1-1 jump and return'          
1 11 1 '1D 31P'                             
2 12 2 '2D 1H-1H NOESY 1-1 jump and return' 
# 
_pdbx_nmr_constraints.disulfide_bond_constraints_total_count        ? 
_pdbx_nmr_constraints.entry_id                                      2N5O 
_pdbx_nmr_constraints.hydrogen_bond_constraints_total_count         42 
_pdbx_nmr_constraints.NA_alpha-angle_constraints_total_count        14 
_pdbx_nmr_constraints.NA_beta-angle_constraints_total_count         15 
_pdbx_nmr_constraints.NA_chi-angle_constraints_total_count          ? 
_pdbx_nmr_constraints.NA_delta-angle_constraints_total_count        15 
_pdbx_nmr_constraints.NA_epsilon-angle_constraints_total_count      16 
_pdbx_nmr_constraints.NA_gamma-angle_constraints_total_count        17 
_pdbx_nmr_constraints.NA_other-angle_constraints_total_count        ? 
_pdbx_nmr_constraints.NA_sugar_pucker_constraints_total_count       75 
_pdbx_nmr_constraints.NOE_constraints_total                         210 
_pdbx_nmr_constraints.NOE_interentity_total_count                   ? 
_pdbx_nmr_constraints.NOE_interproton_distance_evaluation           ? 
_pdbx_nmr_constraints.NOE_intraresidue_total_count                  139 
_pdbx_nmr_constraints.NOE_long_range_total_count                    ? 
_pdbx_nmr_constraints.NOE_medium_range_total_count                  34 
_pdbx_nmr_constraints.NOE_motional_averaging_correction             ? 
_pdbx_nmr_constraints.NOE_pseudoatom_corrections                    ? 
_pdbx_nmr_constraints.NOE_sequential_total_count                    71 
_pdbx_nmr_constraints.protein_chi_angle_constraints_total_count     ? 
_pdbx_nmr_constraints.protein_other_angle_constraints_total_count   ? 
_pdbx_nmr_constraints.protein_phi_angle_constraints_total_count     ? 
_pdbx_nmr_constraints.protein_psi_angle_constraints_total_count     ? 
# 
_pdbx_nmr_refine.entry_id           2N5O 
_pdbx_nmr_refine.method             'molecular dynamics, matrix relaxation, distance geometry' 
_pdbx_nmr_refine.details            ? 
_pdbx_nmr_refine.software_ordinal   1 
# 
loop_
_pdbx_nmr_software.authors 
_pdbx_nmr_software.classification 
_pdbx_nmr_software.name 
_pdbx_nmr_software.version 
_pdbx_nmr_software.ordinal 
'Case, Darden, Cheatham, III, Simmerling, Wang, Duke, Luo, ... and Kollman' 'structure solution'        Amber     9 1 
'Case, Darden, Cheatham, III, Simmerling, Wang, Duke, Luo, ... and Kollman' refinement                  Amber     9 2 
Goddard                                                                     'chemical shift assignment' Sparky    ? 3 
Goddard                                                                     'peak picking'              Sparky    ? 4 
'Bruker Biospin'                                                            collection                  XwinNMR   ? 5 
'Thomas James'                                                              refinement                  CORMA     ? 6 
'Thomas James'                                                              'data analysis'             CORMA     ? 7 
'Thomas James'                                                              'data analysis'             MARDIGRAS ? 8 
'Thomas James'                                                              refinement                  MARDIGRAS ? 9 
# 
loop_
_chem_comp_atom.comp_id 
_chem_comp_atom.atom_id 
_chem_comp_atom.type_symbol 
_chem_comp_atom.pdbx_aromatic_flag 
_chem_comp_atom.pdbx_stereo_config 
_chem_comp_atom.pdbx_ordinal 
4EN O1P    O N N 1   
4EN P      P N N 2   
4EN O2P    O N N 3   
4EN "O5'"  O N N 4   
4EN "C5'"  C N N 5   
4EN "C4'"  C N R 6   
4EN "C3'"  C N S 7   
4EN "C2'"  C N N 8   
4EN "O3'"  O N N 9   
4EN "O4'"  O N N 10  
4EN "C1'"  C N R 11  
4EN N8     N Y N 12  
4EN C7     C Y N 13  
4EN N9     N Y N 14  
4EN C4     C Y N 15  
4EN C5     C Y N 16  
4EN C6     C Y N 17  
4EN N6     N N N 18  
4EN N1     N Y N 19  
4EN C2     C Y N 20  
4EN N3     N Y N 21  
4EN HOP2   H N N 22  
4EN "H5'2" H N N 23  
4EN "H5'1" H N N 24  
4EN "H4'"  H N N 25  
4EN "H3'"  H N N 26  
4EN "H2'1" H N N 27  
4EN "H2'2" H N N 28  
4EN "HO3'" H N N 29  
4EN "H1'"  H N N 30  
4EN H7     H N N 31  
4EN H61    H N N 32  
4EN H62    H N N 33  
4EN H2     H N N 34  
4EN OP3    O N N 35  
4EN HOP3   H N N 36  
DA  OP3    O N N 37  
DA  P      P N N 38  
DA  OP1    O N N 39  
DA  OP2    O N N 40  
DA  "O5'"  O N N 41  
DA  "C5'"  C N N 42  
DA  "C4'"  C N R 43  
DA  "O4'"  O N N 44  
DA  "C3'"  C N S 45  
DA  "O3'"  O N N 46  
DA  "C2'"  C N N 47  
DA  "C1'"  C N R 48  
DA  N9     N Y N 49  
DA  C8     C Y N 50  
DA  N7     N Y N 51  
DA  C5     C Y N 52  
DA  C6     C Y N 53  
DA  N6     N N N 54  
DA  N1     N Y N 55  
DA  C2     C Y N 56  
DA  N3     N Y N 57  
DA  C4     C Y N 58  
DA  HOP3   H N N 59  
DA  HOP2   H N N 60  
DA  "H5'"  H N N 61  
DA  "H5''" H N N 62  
DA  "H4'"  H N N 63  
DA  "H3'"  H N N 64  
DA  "HO3'" H N N 65  
DA  "H2'"  H N N 66  
DA  "H2''" H N N 67  
DA  "H1'"  H N N 68  
DA  H8     H N N 69  
DA  H61    H N N 70  
DA  H62    H N N 71  
DA  H2     H N N 72  
DC  OP3    O N N 73  
DC  P      P N N 74  
DC  OP1    O N N 75  
DC  OP2    O N N 76  
DC  "O5'"  O N N 77  
DC  "C5'"  C N N 78  
DC  "C4'"  C N R 79  
DC  "O4'"  O N N 80  
DC  "C3'"  C N S 81  
DC  "O3'"  O N N 82  
DC  "C2'"  C N N 83  
DC  "C1'"  C N R 84  
DC  N1     N N N 85  
DC  C2     C N N 86  
DC  O2     O N N 87  
DC  N3     N N N 88  
DC  C4     C N N 89  
DC  N4     N N N 90  
DC  C5     C N N 91  
DC  C6     C N N 92  
DC  HOP3   H N N 93  
DC  HOP2   H N N 94  
DC  "H5'"  H N N 95  
DC  "H5''" H N N 96  
DC  "H4'"  H N N 97  
DC  "H3'"  H N N 98  
DC  "HO3'" H N N 99  
DC  "H2'"  H N N 100 
DC  "H2''" H N N 101 
DC  "H1'"  H N N 102 
DC  H41    H N N 103 
DC  H42    H N N 104 
DC  H5     H N N 105 
DC  H6     H N N 106 
DG  OP3    O N N 107 
DG  P      P N N 108 
DG  OP1    O N N 109 
DG  OP2    O N N 110 
DG  "O5'"  O N N 111 
DG  "C5'"  C N N 112 
DG  "C4'"  C N R 113 
DG  "O4'"  O N N 114 
DG  "C3'"  C N S 115 
DG  "O3'"  O N N 116 
DG  "C2'"  C N N 117 
DG  "C1'"  C N R 118 
DG  N9     N Y N 119 
DG  C8     C Y N 120 
DG  N7     N Y N 121 
DG  C5     C Y N 122 
DG  C6     C N N 123 
DG  O6     O N N 124 
DG  N1     N N N 125 
DG  C2     C N N 126 
DG  N2     N N N 127 
DG  N3     N N N 128 
DG  C4     C Y N 129 
DG  HOP3   H N N 130 
DG  HOP2   H N N 131 
DG  "H5'"  H N N 132 
DG  "H5''" H N N 133 
DG  "H4'"  H N N 134 
DG  "H3'"  H N N 135 
DG  "HO3'" H N N 136 
DG  "H2'"  H N N 137 
DG  "H2''" H N N 138 
DG  "H1'"  H N N 139 
DG  H8     H N N 140 
DG  H1     H N N 141 
DG  H21    H N N 142 
DG  H22    H N N 143 
DT  OP3    O N N 144 
DT  P      P N N 145 
DT  OP1    O N N 146 
DT  OP2    O N N 147 
DT  "O5'"  O N N 148 
DT  "C5'"  C N N 149 
DT  "C4'"  C N R 150 
DT  "O4'"  O N N 151 
DT  "C3'"  C N S 152 
DT  "O3'"  O N N 153 
DT  "C2'"  C N N 154 
DT  "C1'"  C N R 155 
DT  N1     N N N 156 
DT  C2     C N N 157 
DT  O2     O N N 158 
DT  N3     N N N 159 
DT  C4     C N N 160 
DT  O4     O N N 161 
DT  C5     C N N 162 
DT  C7     C N N 163 
DT  C6     C N N 164 
DT  HOP3   H N N 165 
DT  HOP2   H N N 166 
DT  "H5'"  H N N 167 
DT  "H5''" H N N 168 
DT  "H4'"  H N N 169 
DT  "H3'"  H N N 170 
DT  "HO3'" H N N 171 
DT  "H2'"  H N N 172 
DT  "H2''" H N N 173 
DT  "H1'"  H N N 174 
DT  H3     H N N 175 
DT  H71    H N N 176 
DT  H72    H N N 177 
DT  H73    H N N 178 
DT  H6     H N N 179 
# 
loop_
_chem_comp_bond.comp_id 
_chem_comp_bond.atom_id_1 
_chem_comp_bond.atom_id_2 
_chem_comp_bond.value_order 
_chem_comp_bond.pdbx_aromatic_flag 
_chem_comp_bond.pdbx_stereo_config 
_chem_comp_bond.pdbx_ordinal 
4EN O1P   P      doub N N 1   
4EN P     O2P    sing N N 2   
4EN P     "O5'"  sing N N 3   
4EN "C5'" "O5'"  sing N N 4   
4EN "C5'" "C4'"  sing N N 5   
4EN "C4'" "O4'"  sing N N 6   
4EN "C4'" "C3'"  sing N N 7   
4EN "O4'" "C1'"  sing N N 8   
4EN "C3'" "O3'"  sing N N 9   
4EN "C3'" "C2'"  sing N N 10  
4EN "C2'" "C1'"  sing N N 11  
4EN "C1'" N8     sing N N 12  
4EN N9    N8     sing Y N 13  
4EN N9    C4     doub Y N 14  
4EN N8    C7     sing Y N 15  
4EN N3    C4     sing Y N 16  
4EN N3    C2     doub Y N 17  
4EN C4    C5     sing Y N 18  
4EN C7    C5     doub Y N 19  
4EN C5    C6     sing Y N 20  
4EN C2    N1     sing Y N 21  
4EN N1    C6     doub Y N 22  
4EN C6    N6     sing N N 23  
4EN O2P   HOP2   sing N N 24  
4EN "C5'" "H5'2" sing N N 25  
4EN "C5'" "H5'1" sing N N 26  
4EN "C4'" "H4'"  sing N N 27  
4EN "C3'" "H3'"  sing N N 28  
4EN "C2'" "H2'1" sing N N 29  
4EN "C2'" "H2'2" sing N N 30  
4EN "O3'" "HO3'" sing N N 31  
4EN "C1'" "H1'"  sing N N 32  
4EN C7    H7     sing N N 33  
4EN N6    H61    sing N N 34  
4EN N6    H62    sing N N 35  
4EN C2    H2     sing N N 36  
4EN P     OP3    sing N N 37  
4EN OP3   HOP3   sing N N 38  
DA  OP3   P      sing N N 39  
DA  OP3   HOP3   sing N N 40  
DA  P     OP1    doub N N 41  
DA  P     OP2    sing N N 42  
DA  P     "O5'"  sing N N 43  
DA  OP2   HOP2   sing N N 44  
DA  "O5'" "C5'"  sing N N 45  
DA  "C5'" "C4'"  sing N N 46  
DA  "C5'" "H5'"  sing N N 47  
DA  "C5'" "H5''" sing N N 48  
DA  "C4'" "O4'"  sing N N 49  
DA  "C4'" "C3'"  sing N N 50  
DA  "C4'" "H4'"  sing N N 51  
DA  "O4'" "C1'"  sing N N 52  
DA  "C3'" "O3'"  sing N N 53  
DA  "C3'" "C2'"  sing N N 54  
DA  "C3'" "H3'"  sing N N 55  
DA  "O3'" "HO3'" sing N N 56  
DA  "C2'" "C1'"  sing N N 57  
DA  "C2'" "H2'"  sing N N 58  
DA  "C2'" "H2''" sing N N 59  
DA  "C1'" N9     sing N N 60  
DA  "C1'" "H1'"  sing N N 61  
DA  N9    C8     sing Y N 62  
DA  N9    C4     sing Y N 63  
DA  C8    N7     doub Y N 64  
DA  C8    H8     sing N N 65  
DA  N7    C5     sing Y N 66  
DA  C5    C6     sing Y N 67  
DA  C5    C4     doub Y N 68  
DA  C6    N6     sing N N 69  
DA  C6    N1     doub Y N 70  
DA  N6    H61    sing N N 71  
DA  N6    H62    sing N N 72  
DA  N1    C2     sing Y N 73  
DA  C2    N3     doub Y N 74  
DA  C2    H2     sing N N 75  
DA  N3    C4     sing Y N 76  
DC  OP3   P      sing N N 77  
DC  OP3   HOP3   sing N N 78  
DC  P     OP1    doub N N 79  
DC  P     OP2    sing N N 80  
DC  P     "O5'"  sing N N 81  
DC  OP2   HOP2   sing N N 82  
DC  "O5'" "C5'"  sing N N 83  
DC  "C5'" "C4'"  sing N N 84  
DC  "C5'" "H5'"  sing N N 85  
DC  "C5'" "H5''" sing N N 86  
DC  "C4'" "O4'"  sing N N 87  
DC  "C4'" "C3'"  sing N N 88  
DC  "C4'" "H4'"  sing N N 89  
DC  "O4'" "C1'"  sing N N 90  
DC  "C3'" "O3'"  sing N N 91  
DC  "C3'" "C2'"  sing N N 92  
DC  "C3'" "H3'"  sing N N 93  
DC  "O3'" "HO3'" sing N N 94  
DC  "C2'" "C1'"  sing N N 95  
DC  "C2'" "H2'"  sing N N 96  
DC  "C2'" "H2''" sing N N 97  
DC  "C1'" N1     sing N N 98  
DC  "C1'" "H1'"  sing N N 99  
DC  N1    C2     sing N N 100 
DC  N1    C6     sing N N 101 
DC  C2    O2     doub N N 102 
DC  C2    N3     sing N N 103 
DC  N3    C4     doub N N 104 
DC  C4    N4     sing N N 105 
DC  C4    C5     sing N N 106 
DC  N4    H41    sing N N 107 
DC  N4    H42    sing N N 108 
DC  C5    C6     doub N N 109 
DC  C5    H5     sing N N 110 
DC  C6    H6     sing N N 111 
DG  OP3   P      sing N N 112 
DG  OP3   HOP3   sing N N 113 
DG  P     OP1    doub N N 114 
DG  P     OP2    sing N N 115 
DG  P     "O5'"  sing N N 116 
DG  OP2   HOP2   sing N N 117 
DG  "O5'" "C5'"  sing N N 118 
DG  "C5'" "C4'"  sing N N 119 
DG  "C5'" "H5'"  sing N N 120 
DG  "C5'" "H5''" sing N N 121 
DG  "C4'" "O4'"  sing N N 122 
DG  "C4'" "C3'"  sing N N 123 
DG  "C4'" "H4'"  sing N N 124 
DG  "O4'" "C1'"  sing N N 125 
DG  "C3'" "O3'"  sing N N 126 
DG  "C3'" "C2'"  sing N N 127 
DG  "C3'" "H3'"  sing N N 128 
DG  "O3'" "HO3'" sing N N 129 
DG  "C2'" "C1'"  sing N N 130 
DG  "C2'" "H2'"  sing N N 131 
DG  "C2'" "H2''" sing N N 132 
DG  "C1'" N9     sing N N 133 
DG  "C1'" "H1'"  sing N N 134 
DG  N9    C8     sing Y N 135 
DG  N9    C4     sing Y N 136 
DG  C8    N7     doub Y N 137 
DG  C8    H8     sing N N 138 
DG  N7    C5     sing Y N 139 
DG  C5    C6     sing N N 140 
DG  C5    C4     doub Y N 141 
DG  C6    O6     doub N N 142 
DG  C6    N1     sing N N 143 
DG  N1    C2     sing N N 144 
DG  N1    H1     sing N N 145 
DG  C2    N2     sing N N 146 
DG  C2    N3     doub N N 147 
DG  N2    H21    sing N N 148 
DG  N2    H22    sing N N 149 
DG  N3    C4     sing N N 150 
DT  OP3   P      sing N N 151 
DT  OP3   HOP3   sing N N 152 
DT  P     OP1    doub N N 153 
DT  P     OP2    sing N N 154 
DT  P     "O5'"  sing N N 155 
DT  OP2   HOP2   sing N N 156 
DT  "O5'" "C5'"  sing N N 157 
DT  "C5'" "C4'"  sing N N 158 
DT  "C5'" "H5'"  sing N N 159 
DT  "C5'" "H5''" sing N N 160 
DT  "C4'" "O4'"  sing N N 161 
DT  "C4'" "C3'"  sing N N 162 
DT  "C4'" "H4'"  sing N N 163 
DT  "O4'" "C1'"  sing N N 164 
DT  "C3'" "O3'"  sing N N 165 
DT  "C3'" "C2'"  sing N N 166 
DT  "C3'" "H3'"  sing N N 167 
DT  "O3'" "HO3'" sing N N 168 
DT  "C2'" "C1'"  sing N N 169 
DT  "C2'" "H2'"  sing N N 170 
DT  "C2'" "H2''" sing N N 171 
DT  "C1'" N1     sing N N 172 
DT  "C1'" "H1'"  sing N N 173 
DT  N1    C2     sing N N 174 
DT  N1    C6     sing N N 175 
DT  C2    O2     doub N N 176 
DT  C2    N3     sing N N 177 
DT  N3    C4     sing N N 178 
DT  N3    H3     sing N N 179 
DT  C4    O4     doub N N 180 
DT  C4    C5     sing N N 181 
DT  C5    C7     sing N N 182 
DT  C5    C6     doub N N 183 
DT  C7    H71    sing N N 184 
DT  C7    H72    sing N N 185 
DT  C7    H73    sing N N 186 
DT  C6    H6     sing N N 187 
# 
loop_
_ndb_struct_conf_na.entry_id 
_ndb_struct_conf_na.feature 
2N5O 'double helix'         
2N5O 'b-form double helix'  
2N5O 'mismatched base pair' 
# 
loop_
_ndb_struct_na_base_pair.model_number 
_ndb_struct_na_base_pair.i_label_asym_id 
_ndb_struct_na_base_pair.i_label_comp_id 
_ndb_struct_na_base_pair.i_label_seq_id 
_ndb_struct_na_base_pair.i_symmetry 
_ndb_struct_na_base_pair.j_label_asym_id 
_ndb_struct_na_base_pair.j_label_comp_id 
_ndb_struct_na_base_pair.j_label_seq_id 
_ndb_struct_na_base_pair.j_symmetry 
_ndb_struct_na_base_pair.shear 
_ndb_struct_na_base_pair.stretch 
_ndb_struct_na_base_pair.stagger 
_ndb_struct_na_base_pair.buckle 
_ndb_struct_na_base_pair.propeller 
_ndb_struct_na_base_pair.opening 
_ndb_struct_na_base_pair.pair_number 
_ndb_struct_na_base_pair.pair_name 
_ndb_struct_na_base_pair.i_auth_asym_id 
_ndb_struct_na_base_pair.i_auth_seq_id 
_ndb_struct_na_base_pair.i_PDB_ins_code 
_ndb_struct_na_base_pair.j_auth_asym_id 
_ndb_struct_na_base_pair.j_auth_seq_id 
_ndb_struct_na_base_pair.j_PDB_ins_code 
_ndb_struct_na_base_pair.hbond_type_28 
_ndb_struct_na_base_pair.hbond_type_12 
1 A DA 1 1_555 B DT 9 1_555 -0.047 -0.130 0.644  -7.220  0.611   0.131  1 A_DA1:DT18_B A 1 ? B 18 ? 20 1 
1 A DT 2 1_555 B DA 8 1_555 0.086  -0.025 0.058  -3.572  -7.802  -2.598 2 A_DT2:DA17_B A 2 ? B 17 ? 20 1 
1 A DG 3 1_555 B DC 7 1_555 -0.223 -0.101 -0.447 -12.904 -17.733 -1.486 3 A_DG3:DC16_B A 3 ? B 16 ? 19 1 
1 A DG 4 1_555 B DC 6 1_555 -0.077 0.030  -0.632 -21.590 -13.349 1.873  4 A_DG4:DC15_B A 4 ? B 15 ? 19 1 
1 A DG 6 1_555 B DC 4 1_555 -0.169 -0.064 0.284  7.720   -15.747 -3.123 5 A_DG6:DC13_B A 6 ? B 13 ? 19 1 
1 A DC 7 1_555 B DG 3 1_555 0.096  -0.164 0.270  -4.079  -18.900 -2.042 6 A_DC7:DG12_B A 7 ? B 12 ? 19 1 
1 A DT 8 1_555 B DA 2 1_555 0.092  -0.035 0.115  5.137   -6.970  -5.972 7 A_DT8:DA11_B A 8 ? B 11 ? 20 1 
1 A DC 9 1_555 B DG 1 1_555 0.379  -0.073 -0.134 7.505   -8.442  -1.326 8 A_DC9:DG10_B A 9 ? B 10 ? 19 1 
# 
loop_
_ndb_struct_na_base_pair_step.model_number 
_ndb_struct_na_base_pair_step.i_label_asym_id_1 
_ndb_struct_na_base_pair_step.i_label_comp_id_1 
_ndb_struct_na_base_pair_step.i_label_seq_id_1 
_ndb_struct_na_base_pair_step.i_symmetry_1 
_ndb_struct_na_base_pair_step.j_label_asym_id_1 
_ndb_struct_na_base_pair_step.j_label_comp_id_1 
_ndb_struct_na_base_pair_step.j_label_seq_id_1 
_ndb_struct_na_base_pair_step.j_symmetry_1 
_ndb_struct_na_base_pair_step.i_label_asym_id_2 
_ndb_struct_na_base_pair_step.i_label_comp_id_2 
_ndb_struct_na_base_pair_step.i_label_seq_id_2 
_ndb_struct_na_base_pair_step.i_symmetry_2 
_ndb_struct_na_base_pair_step.j_label_asym_id_2 
_ndb_struct_na_base_pair_step.j_label_comp_id_2 
_ndb_struct_na_base_pair_step.j_label_seq_id_2 
_ndb_struct_na_base_pair_step.j_symmetry_2 
_ndb_struct_na_base_pair_step.shift 
_ndb_struct_na_base_pair_step.slide 
_ndb_struct_na_base_pair_step.rise 
_ndb_struct_na_base_pair_step.tilt 
_ndb_struct_na_base_pair_step.roll 
_ndb_struct_na_base_pair_step.twist 
_ndb_struct_na_base_pair_step.x_displacement 
_ndb_struct_na_base_pair_step.y_displacement 
_ndb_struct_na_base_pair_step.helical_rise 
_ndb_struct_na_base_pair_step.inclination 
_ndb_struct_na_base_pair_step.tip 
_ndb_struct_na_base_pair_step.helical_twist 
_ndb_struct_na_base_pair_step.step_number 
_ndb_struct_na_base_pair_step.step_name 
_ndb_struct_na_base_pair_step.i_auth_asym_id_1 
_ndb_struct_na_base_pair_step.i_auth_seq_id_1 
_ndb_struct_na_base_pair_step.i_PDB_ins_code_1 
_ndb_struct_na_base_pair_step.j_auth_asym_id_1 
_ndb_struct_na_base_pair_step.j_auth_seq_id_1 
_ndb_struct_na_base_pair_step.j_PDB_ins_code_1 
_ndb_struct_na_base_pair_step.i_auth_asym_id_2 
_ndb_struct_na_base_pair_step.i_auth_seq_id_2 
_ndb_struct_na_base_pair_step.i_PDB_ins_code_2 
_ndb_struct_na_base_pair_step.j_auth_asym_id_2 
_ndb_struct_na_base_pair_step.j_auth_seq_id_2 
_ndb_struct_na_base_pair_step.j_PDB_ins_code_2 
1 A DA 1 1_555 B DT 9 1_555 A DT 2 1_555 B DA 8 1_555 -0.949 -0.616 3.524 2.348  -0.472 29.940 -1.086 2.346  3.450 -0.911 -4.535 
30.033 1 AA_DA1DT2:DA17DT18_BB A 1 ? B 18 ? A 2 ? B 17 ? 
1 A DT 2 1_555 B DA 8 1_555 A DG 3 1_555 B DC 7 1_555 -0.038 -1.150 3.652 4.144  10.481 31.793 -3.800 0.783  3.100 18.423 -7.284 
33.683 2 AA_DT2DG3:DC16DA17_BB A 2 ? B 17 ? A 3 ? B 16 ? 
1 A DG 3 1_555 B DC 7 1_555 A DG 4 1_555 B DC 6 1_555 -0.597 0.604  3.504 -3.646 6.035  39.836 0.133  0.416  3.593 8.773  5.301  
40.431 3 AA_DG3DG4:DC15DC16_BB A 3 ? B 16 ? A 4 ? B 15 ? 
1 A DG 4 1_555 B DC 6 1_555 A DG 6 1_555 B DC 4 1_555 0.722  0.895  5.704 -9.264 2.597  61.999 0.657  -1.421 5.587 2.505  8.936  
62.667 4 AA_DG4DG6:DC13DC15_BB A 4 ? B 15 ? A 6 ? B 13 ? 
1 A DG 6 1_555 B DC 4 1_555 A DC 7 1_555 B DG 3 1_555 0.083  -0.717 3.362 -0.487 0.587  42.688 -1.045 -0.164 3.351 0.806  0.669  
42.694 5 AA_DG6DC7:DG12DC13_BB A 6 ? B 13 ? A 7 ? B 12 ? 
1 A DC 7 1_555 B DG 3 1_555 A DT 8 1_555 B DA 2 1_555 0.068  0.005  3.134 3.572  5.794  32.933 -0.902 0.443  3.080 10.087 -6.217 
33.610 6 AA_DC7DT8:DA11DG12_BB A 7 ? B 12 ? A 8 ? B 11 ? 
1 A DT 8 1_555 B DA 2 1_555 A DC 9 1_555 B DG 1 1_555 0.956  -0.151 3.363 5.440  4.803  34.313 -1.007 -0.731 3.419 8.030  -9.095 
35.049 7 AA_DT8DC9:DG10DA11_BB A 8 ? B 11 ? A 9 ? B 10 ? 
# 
loop_
_pdbx_nmr_spectrometer.field_strength 
_pdbx_nmr_spectrometer.manufacturer 
_pdbx_nmr_spectrometer.model 
_pdbx_nmr_spectrometer.spectrometer_id 
_pdbx_nmr_spectrometer.type 
600 Bruker AVANCE 1 'Bruker Avance' 
500 Bruker AVANCE 2 'Bruker Avance' 
# 
_atom_sites.entry_id                    2N5O 
_atom_sites.fract_transf_matrix[1][1]   1.000000 
_atom_sites.fract_transf_matrix[1][2]   0.000000 
_atom_sites.fract_transf_matrix[1][3]   0.000000 
_atom_sites.fract_transf_matrix[2][1]   0.000000 
_atom_sites.fract_transf_matrix[2][2]   1.000000 
_atom_sites.fract_transf_matrix[2][3]   0.000000 
_atom_sites.fract_transf_matrix[3][1]   0.000000 
_atom_sites.fract_transf_matrix[3][2]   0.000000 
_atom_sites.fract_transf_matrix[3][3]   1.000000 
_atom_sites.fract_transf_vector[1]      0.00000 
_atom_sites.fract_transf_vector[2]      0.00000 
_atom_sites.fract_transf_vector[3]      0.00000 
# 
loop_
_atom_type.symbol 
C 
H 
N 
O 
P 
# 
loop_
_atom_site.group_PDB 
_atom_site.id 
_atom_site.type_symbol 
_atom_site.label_atom_id 
_atom_site.label_alt_id 
_atom_site.label_comp_id 
_atom_site.label_asym_id 
_atom_site.label_entity_id 
_atom_site.label_seq_id 
_atom_site.pdbx_PDB_ins_code 
_atom_site.Cartn_x 
_atom_site.Cartn_y 
_atom_site.Cartn_z 
_atom_site.occupancy 
_atom_site.B_iso_or_equiv 
_atom_site.pdbx_formal_charge 
_atom_site.auth_seq_id 
_atom_site.auth_comp_id 
_atom_site.auth_asym_id 
_atom_site.auth_atom_id 
_atom_site.pdbx_PDB_model_num 
ATOM   1   O "O5'"  . DA  A 1 1 ? 3.402   -16.174 -2.817  1.00 0.00 ? 1  DA  A "O5'"  1 
ATOM   2   C "C5'"  . DA  A 1 1 ? 3.284   -16.842 -4.072  1.00 0.00 ? 1  DA  A "C5'"  1 
ATOM   3   C "C4'"  . DA  A 1 1 ? 2.638   -15.991 -5.183  1.00 0.00 ? 1  DA  A "C4'"  1 
ATOM   4   O "O4'"  . DA  A 1 1 ? 1.274   -15.704 -4.874  1.00 0.00 ? 1  DA  A "O4'"  1 
ATOM   5   C "C3'"  . DA  A 1 1 ? 3.344   -14.655 -5.424  1.00 0.00 ? 1  DA  A "C3'"  1 
ATOM   6   O "O3'"  . DA  A 1 1 ? 3.311   -14.360 -6.813  1.00 0.00 ? 1  DA  A "O3'"  1 
ATOM   7   C "C2'"  . DA  A 1 1 ? 2.488   -13.676 -4.623  1.00 0.00 ? 1  DA  A "C2'"  1 
ATOM   8   C "C1'"  . DA  A 1 1 ? 1.095   -14.299 -4.727  1.00 0.00 ? 1  DA  A "C1'"  1 
ATOM   9   N N9     . DA  A 1 1 ? 0.254   -14.047 -3.534  1.00 0.00 ? 1  DA  A N9     1 
ATOM   10  C C8     . DA  A 1 1 ? 0.466   -14.468 -2.241  1.00 0.00 ? 1  DA  A C8     1 
ATOM   11  N N7     . DA  A 1 1 ? -0.509  -14.188 -1.416  1.00 0.00 ? 1  DA  A N7     1 
ATOM   12  C C5     . DA  A 1 1 ? -1.411  -13.486 -2.226  1.00 0.00 ? 1  DA  A C5     1 
ATOM   13  C C6     . DA  A 1 1 ? -2.681  -12.903 -2.013  1.00 0.00 ? 1  DA  A C6     1 
ATOM   14  N N6     . DA  A 1 1 ? -3.320  -12.906 -0.860  1.00 0.00 ? 1  DA  A N6     1 
ATOM   15  N N1     . DA  A 1 1 ? -3.351  -12.341 -3.017  1.00 0.00 ? 1  DA  A N1     1 
ATOM   16  C C2     . DA  A 1 1 ? -2.790  -12.322 -4.215  1.00 0.00 ? 1  DA  A C2     1 
ATOM   17  N N3     . DA  A 1 1 ? -1.603  -12.811 -4.573  1.00 0.00 ? 1  DA  A N3     1 
ATOM   18  C C4     . DA  A 1 1 ? -0.962  -13.397 -3.517  1.00 0.00 ? 1  DA  A C4     1 
ATOM   19  H "H5'"  . DA  A 1 1 ? 2.691   -17.750 -3.947  1.00 0.00 ? 1  DA  A "H5'"  1 
ATOM   20  H "H5''" . DA  A 1 1 ? 4.278   -17.148 -4.406  1.00 0.00 ? 1  DA  A "H5''" 1 
ATOM   21  H "H4'"  . DA  A 1 1 ? 2.683   -16.571 -6.107  1.00 0.00 ? 1  DA  A "H4'"  1 
ATOM   22  H "H3'"  . DA  A 1 1 ? 4.377   -14.708 -5.064  1.00 0.00 ? 1  DA  A "H3'"  1 
ATOM   23  H "H2'"  . DA  A 1 1 ? 2.834   -13.644 -3.588  1.00 0.00 ? 1  DA  A "H2'"  1 
ATOM   24  H "H2''" . DA  A 1 1 ? 2.499   -12.675 -5.054  1.00 0.00 ? 1  DA  A "H2''" 1 
ATOM   25  H "H1'"  . DA  A 1 1 ? 0.597   -13.897 -5.618  1.00 0.00 ? 1  DA  A "H1'"  1 
ATOM   26  H H8     . DA  A 1 1 ? 1.354   -15.014 -1.946  1.00 0.00 ? 1  DA  A H8     1 
ATOM   27  H H61    . DA  A 1 1 ? -2.872  -13.297 -0.047  1.00 0.00 ? 1  DA  A H61    1 
ATOM   28  H H62    . DA  A 1 1 ? -4.270  -12.561 -0.815  1.00 0.00 ? 1  DA  A H62    1 
ATOM   29  H H2     . DA  A 1 1 ? -3.366  -11.846 -4.998  1.00 0.00 ? 1  DA  A H2     1 
ATOM   30  H "HO5'" . DA  A 1 1 ? 4.155   -15.538 -2.857  1.00 0.00 ? 1  DA  A "HO5'" 1 
ATOM   31  P P      . DT  A 1 2 ? 4.229   -13.233 -7.465  1.00 0.00 ? 2  DT  A P      1 
ATOM   32  O OP1    . DT  A 1 2 ? 4.664   -13.744 -8.783  1.00 0.00 ? 2  DT  A OP1    1 
ATOM   33  O OP2    . DT  A 1 2 ? 5.269   -12.867 -6.483  1.00 0.00 ? 2  DT  A OP2    1 
ATOM   34  O "O5'"  . DT  A 1 2 ? 3.275   -11.962 -7.701  1.00 0.00 ? 2  DT  A "O5'"  1 
ATOM   35  C "C5'"  . DT  A 1 2 ? 2.329   -11.950 -8.776  1.00 0.00 ? 2  DT  A "C5'"  1 
ATOM   36  C "C4'"  . DT  A 1 2 ? 1.336   -10.780 -8.694  1.00 0.00 ? 2  DT  A "C4'"  1 
ATOM   37  O "O4'"  . DT  A 1 2 ? 0.570   -10.895 -7.495  1.00 0.00 ? 2  DT  A "O4'"  1 
ATOM   38  C "C3'"  . DT  A 1 2 ? 1.970   -9.374  -8.733  1.00 0.00 ? 2  DT  A "C3'"  1 
ATOM   39  O "O3'"  . DT  A 1 2 ? 1.302   -8.584  -9.725  1.00 0.00 ? 2  DT  A "O3'"  1 
ATOM   40  C "C2'"  . DT  A 1 2 ? 1.655   -8.835  -7.328  1.00 0.00 ? 2  DT  A "C2'"  1 
ATOM   41  C "C1'"  . DT  A 1 2 ? 0.382   -9.598  -6.956  1.00 0.00 ? 2  DT  A "C1'"  1 
ATOM   42  N N1     . DT  A 1 2 ? 0.095   -9.683  -5.497  1.00 0.00 ? 2  DT  A N1     1 
ATOM   43  C C2     . DT  A 1 2 ? -1.171  -9.302  -5.030  1.00 0.00 ? 2  DT  A C2     1 
ATOM   44  O O2     . DT  A 1 2 ? -2.083  -8.929  -5.765  1.00 0.00 ? 2  DT  A O2     1 
ATOM   45  N N3     . DT  A 1 2 ? -1.390  -9.396  -3.673  1.00 0.00 ? 2  DT  A N3     1 
ATOM   46  C C4     . DT  A 1 2 ? -0.493  -9.882  -2.746  1.00 0.00 ? 2  DT  A C4     1 
ATOM   47  O O4     . DT  A 1 2 ? -0.830  -9.951  -1.562  1.00 0.00 ? 2  DT  A O4     1 
ATOM   48  C C5     . DT  A 1 2 ? 0.797   -10.294 -3.301  1.00 0.00 ? 2  DT  A C5     1 
ATOM   49  C C7     . DT  A 1 2 ? 1.878   -10.849 -2.390  1.00 0.00 ? 2  DT  A C7     1 
ATOM   50  C C6     . DT  A 1 2 ? 1.042   -10.180 -4.635  1.00 0.00 ? 2  DT  A C6     1 
ATOM   51  H "H5'"  . DT  A 1 2 ? 1.758   -12.881 -8.764  1.00 0.00 ? 2  DT  A "H5'"  1 
ATOM   52  H "H5''" . DT  A 1 2 ? 2.866   -11.893 -9.724  1.00 0.00 ? 2  DT  A "H5''" 1 
ATOM   53  H "H4'"  . DT  A 1 2 ? 0.681   -10.738 -9.568  1.00 0.00 ? 2  DT  A "H4'"  1 
ATOM   54  H "H3'"  . DT  A 1 2 ? 3.037   -9.431  -8.993  1.00 0.00 ? 2  DT  A "H3'"  1 
ATOM   55  H "H2'"  . DT  A 1 2 ? 2.436   -9.039  -6.594  1.00 0.00 ? 2  DT  A "H2'"  1 
ATOM   56  H "H2''" . DT  A 1 2 ? 1.476   -7.772  -7.362  1.00 0.00 ? 2  DT  A "H2''" 1 
ATOM   57  H "H1'"  . DT  A 1 2 ? -0.505  -9.207  -7.436  1.00 0.00 ? 2  DT  A "H1'"  1 
ATOM   58  H H3     . DT  A 1 2 ? -2.306  -9.120  -3.347  1.00 0.00 ? 2  DT  A H3     1 
ATOM   59  H H71    . DT  A 1 2 ? 2.105   -10.117 -1.616  1.00 0.00 ? 2  DT  A H71    1 
ATOM   60  H H72    . DT  A 1 2 ? 2.789   -11.067 -2.948  1.00 0.00 ? 2  DT  A H72    1 
ATOM   61  H H73    . DT  A 1 2 ? 1.515   -11.754 -1.904  1.00 0.00 ? 2  DT  A H73    1 
ATOM   62  H H6     . DT  A 1 2 ? 1.985   -10.490 -5.057  1.00 0.00 ? 2  DT  A H6     1 
ATOM   63  P P      . DG  A 1 3 ? 1.668   -7.048  -10.033 1.00 0.00 ? 3  DG  A P      1 
ATOM   64  O OP1    . DG  A 1 3 ? 1.496   -6.830  -11.487 1.00 0.00 ? 3  DG  A OP1    1 
ATOM   65  O OP2    . DG  A 1 3 ? 2.973   -6.712  -9.420  1.00 0.00 ? 3  DG  A OP2    1 
ATOM   66  O "O5'"  . DG  A 1 3 ? 0.546   -6.220  -9.245  1.00 0.00 ? 3  DG  A "O5'"  1 
ATOM   67  C "C5'"  . DG  A 1 3 ? -0.836  -6.336  -9.565  1.00 0.00 ? 3  DG  A "C5'"  1 
ATOM   68  C "C4'"  . DG  A 1 3 ? -1.750  -5.396  -8.753  1.00 0.00 ? 3  DG  A "C4'"  1 
ATOM   69  O "O4'"  . DG  A 1 3 ? -1.954  -5.884  -7.424  1.00 0.00 ? 3  DG  A "O4'"  1 
ATOM   70  C "C3'"  . DG  A 1 3 ? -1.273  -3.939  -8.653  1.00 0.00 ? 3  DG  A "C3'"  1 
ATOM   71  O "O3'"  . DG  A 1 3 ? -2.364  -3.080  -8.967  1.00 0.00 ? 3  DG  A "O3'"  1 
ATOM   72  C "C2'"  . DG  A 1 3 ? -0.866  -3.854  -7.184  1.00 0.00 ? 3  DG  A "C2'"  1 
ATOM   73  C "C1'"  . DG  A 1 3 ? -1.890  -4.780  -6.531  1.00 0.00 ? 3  DG  A "C1'"  1 
ATOM   74  N N9     . DG  A 1 3 ? -1.492  -5.223  -5.168  1.00 0.00 ? 3  DG  A N9     1 
ATOM   75  C C8     . DG  A 1 3 ? -0.264  -5.709  -4.792  1.00 0.00 ? 3  DG  A C8     1 
ATOM   76  N N7     . DG  A 1 3 ? -0.172  -6.084  -3.548  1.00 0.00 ? 3  DG  A N7     1 
ATOM   77  C C5     . DG  A 1 3 ? -1.438  -5.766  -3.034  1.00 0.00 ? 3  DG  A C5     1 
ATOM   78  C C6     . DG  A 1 3 ? -1.964  -5.887  -1.704  1.00 0.00 ? 3  DG  A C6     1 
ATOM   79  O O6     . DG  A 1 3 ? -1.437  -6.359  -0.700  1.00 0.00 ? 3  DG  A O6     1 
ATOM   80  N N1     . DG  A 1 3 ? -3.232  -5.378  -1.561  1.00 0.00 ? 3  DG  A N1     1 
ATOM   81  C C2     . DG  A 1 3 ? -3.954  -4.858  -2.578  1.00 0.00 ? 3  DG  A C2     1 
ATOM   82  N N2     . DG  A 1 3 ? -5.131  -4.407  -2.247  1.00 0.00 ? 3  DG  A N2     1 
ATOM   83  N N3     . DG  A 1 3 ? -3.535  -4.761  -3.845  1.00 0.00 ? 3  DG  A N3     1 
ATOM   84  C C4     . DG  A 1 3 ? -2.250  -5.221  -4.012  1.00 0.00 ? 3  DG  A C4     1 
ATOM   85  H "H5'"  . DG  A 1 3 ? -1.162  -7.364  -9.397  1.00 0.00 ? 3  DG  A "H5'"  1 
ATOM   86  H "H5''" . DG  A 1 3 ? -0.975  -6.108  -10.622 1.00 0.00 ? 3  DG  A "H5''" 1 
ATOM   87  H "H4'"  . DG  A 1 3 ? -2.711  -5.387  -9.259  1.00 0.00 ? 3  DG  A "H4'"  1 
ATOM   88  H "H3'"  . DG  A 1 3 ? -0.432  -3.767  -9.323  1.00 0.00 ? 3  DG  A "H3'"  1 
ATOM   89  H "H2'"  . DG  A 1 3 ? 0.146   -4.240  -7.072  1.00 0.00 ? 3  DG  A "H2'"  1 
ATOM   90  H "H2''" . DG  A 1 3 ? -0.932  -2.841  -6.792  1.00 0.00 ? 3  DG  A "H2''" 1 
ATOM   91  H "H1'"  . DG  A 1 3 ? -2.836  -4.232  -6.531  1.00 0.00 ? 3  DG  A "H1'"  1 
ATOM   92  H H8     . DG  A 1 3 ? 0.552   -5.778  -5.490  1.00 0.00 ? 3  DG  A H8     1 
ATOM   93  H H1     . DG  A 1 3 ? -3.639  -5.416  -0.638  1.00 0.00 ? 3  DG  A H1     1 
ATOM   94  H H21    . DG  A 1 3 ? -5.424  -4.412  -1.275  1.00 0.00 ? 3  DG  A H21    1 
ATOM   95  H H22    . DG  A 1 3 ? -5.755  -4.027  -2.949  1.00 0.00 ? 3  DG  A H22    1 
ATOM   96  P P      . DG  A 1 4 ? -2.245  -1.490  -9.123  1.00 0.00 ? 4  DG  A P      1 
ATOM   97  O OP1    . DG  A 1 4 ? -2.784  -1.129  -10.454 1.00 0.00 ? 4  DG  A OP1    1 
ATOM   98  O OP2    . DG  A 1 4 ? -0.890  -1.035  -8.739  1.00 0.00 ? 4  DG  A OP2    1 
ATOM   99  O "O5'"  . DG  A 1 4 ? -3.278  -0.989  -8.019  1.00 0.00 ? 4  DG  A "O5'"  1 
ATOM   100 C "C5'"  . DG  A 1 4 ? -4.667  -1.272  -8.144  1.00 0.00 ? 4  DG  A "C5'"  1 
ATOM   101 C "C4'"  . DG  A 1 4 ? -5.475  -0.713  -6.969  1.00 0.00 ? 4  DG  A "C4'"  1 
ATOM   102 O "O4'"  . DG  A 1 4 ? -5.115  -1.368  -5.775  1.00 0.00 ? 4  DG  A "O4'"  1 
ATOM   103 C "C3'"  . DG  A 1 4 ? -5.350  0.798   -6.823  1.00 0.00 ? 4  DG  A "C3'"  1 
ATOM   104 O "O3'"  . DG  A 1 4 ? -6.633  1.392   -6.979  1.00 0.00 ? 4  DG  A "O3'"  1 
ATOM   105 C "C2'"  . DG  A 1 4 ? -4.744  0.986   -5.438  1.00 0.00 ? 4  DG  A "C2'"  1 
ATOM   106 C "C1'"  . DG  A 1 4 ? -4.768  -0.412  -4.802  1.00 0.00 ? 4  DG  A "C1'"  1 
ATOM   107 N N9     . DG  A 1 4 ? -3.493  -0.889  -4.210  1.00 0.00 ? 4  DG  A N9     1 
ATOM   108 C C8     . DG  A 1 4 ? -2.324  -1.215  -4.850  1.00 0.00 ? 4  DG  A C8     1 
ATOM   109 N N7     . DG  A 1 4 ? -1.427  -1.792  -4.093  1.00 0.00 ? 4  DG  A N7     1 
ATOM   110 C C5     . DG  A 1 4 ? -2.047  -1.813  -2.828  1.00 0.00 ? 4  DG  A C5     1 
ATOM   111 C C6     . DG  A 1 4 ? -1.600  -2.276  -1.539  1.00 0.00 ? 4  DG  A C6     1 
ATOM   112 O O6     . DG  A 1 4 ? -0.559  -2.863  -1.226  1.00 0.00 ? 4  DG  A O6     1 
ATOM   113 N N1     . DG  A 1 4 ? -2.500  -2.018  -0.523  1.00 0.00 ? 4  DG  A N1     1 
ATOM   114 C C2     . DG  A 1 4 ? -3.731  -1.491  -0.720  1.00 0.00 ? 4  DG  A C2     1 
ATOM   115 N N2     . DG  A 1 4 ? -4.517  -1.405  0.315   1.00 0.00 ? 4  DG  A N2     1 
ATOM   116 N N3     . DG  A 1 4 ? -4.203  -1.061  -1.886  1.00 0.00 ? 4  DG  A N3     1 
ATOM   117 C C4     . DG  A 1 4 ? -3.303  -1.240  -2.899  1.00 0.00 ? 4  DG  A C4     1 
ATOM   118 H "H5'"  . DG  A 1 4 ? -4.815  -2.351  -8.188  1.00 0.00 ? 4  DG  A "H5'"  1 
ATOM   119 H "H5''" . DG  A 1 4 ? -5.041  -0.828  -9.067  1.00 0.00 ? 4  DG  A "H5''" 1 
ATOM   120 H "H4'"  . DG  A 1 4 ? -6.533  -0.882  -7.111  1.00 0.00 ? 4  DG  A "H4'"  1 
ATOM   121 H "H3'"  . DG  A 1 4 ? -4.672  1.158   -7.592  1.00 0.00 ? 4  DG  A "H3'"  1 
ATOM   122 H "H2'"  . DG  A 1 4 ? -3.723  1.352   -5.539  1.00 0.00 ? 4  DG  A "H2'"  1 
ATOM   123 H "H2''" . DG  A 1 4 ? -5.367  1.686   -4.852  1.00 0.00 ? 4  DG  A "H2''" 1 
ATOM   124 H "H1'"  . DG  A 1 4 ? -5.540  -0.418  -4.048  1.00 0.00 ? 4  DG  A "H1'"  1 
ATOM   125 H H8     . DG  A 1 4 ? -2.219  -0.903  -5.878  1.00 0.00 ? 4  DG  A H8     1 
ATOM   126 H H1     . DG  A 1 4 ? -2.209  -2.214  0.419   1.00 0.00 ? 4  DG  A H1     1 
ATOM   127 H H21    . DG  A 1 4 ? -4.188  -1.723  1.216   1.00 0.00 ? 4  DG  A H21    1 
ATOM   128 H H22    . DG  A 1 4 ? -5.479  -1.131  0.176   1.00 0.00 ? 4  DG  A H22    1 
HETATM 129 O O1P    . 4EN A 1 5 ? -8.144  3.131   -7.877  1.00 0.00 ? 5  4EN A O1P    1 
HETATM 130 P P      . 4EN A 1 5 ? -6.837  2.956   -7.201  1.00 0.00 ? 5  4EN A P      1 
HETATM 131 O O2P    . 4EN A 1 5 ? -5.619  3.493   -7.851  1.00 0.00 ? 5  4EN A O2P    1 
HETATM 132 O "O5'"  . 4EN A 1 5 ? -6.904  3.588   -5.741  1.00 0.00 ? 5  4EN A "O5'"  1 
HETATM 133 C "C5'"  . 4EN A 1 5 ? -7.967  3.314   -4.832  1.00 0.00 ? 5  4EN A "C5'"  1 
HETATM 134 C "C4'"  . 4EN A 1 5 ? -7.653  3.911   -3.453  1.00 0.00 ? 5  4EN A "C4'"  1 
HETATM 135 C "C3'"  . 4EN A 1 5 ? -7.249  5.391   -3.506  1.00 0.00 ? 5  4EN A "C3'"  1 
HETATM 136 C "C2'"  . 4EN A 1 5 ? -5.769  5.300   -3.141  1.00 0.00 ? 5  4EN A "C2'"  1 
HETATM 137 O "O3'"  . 4EN A 1 5 ? -8.094  6.120   -2.612  1.00 0.00 ? 5  4EN A "O3'"  1 
HETATM 138 O "O4'"  . 4EN A 1 5 ? -6.630  3.143   -2.846  1.00 0.00 ? 5  4EN A "O4'"  1 
HETATM 139 C "C1'"  . 4EN A 1 5 ? -5.665  4.020   -2.314  1.00 0.00 ? 5  4EN A "C1'"  1 
HETATM 140 N N8     . 4EN A 1 5 ? -4.352  3.383   -2.393  1.00 0.00 ? 5  4EN A N8     1 
HETATM 141 C C7     . 4EN A 1 5 ? -3.740  2.735   -1.365  1.00 0.00 ? 5  4EN A C7     1 
HETATM 142 N N9     . 4EN A 1 5 ? -3.623  3.320   -3.550  1.00 0.00 ? 5  4EN A N9     1 
HETATM 143 C C4     . 4EN A 1 5 ? -2.487  2.570   -3.250  1.00 0.00 ? 5  4EN A C4     1 
HETATM 144 C C5     . 4EN A 1 5 ? -2.573  2.201   -1.961  1.00 0.00 ? 5  4EN A C5     1 
HETATM 145 C C6     . 4EN A 1 5 ? -1.561  1.424   -1.431  1.00 0.00 ? 5  4EN A C6     1 
HETATM 146 N N6     . 4EN A 1 5 ? -1.469  0.965   -0.219  1.00 0.00 ? 5  4EN A N6     1 
HETATM 147 N N1     . 4EN A 1 5 ? -0.562  1.075   -2.239  1.00 0.00 ? 5  4EN A N1     1 
HETATM 148 C C2     . 4EN A 1 5 ? -0.589  1.492   -3.503  1.00 0.00 ? 5  4EN A C2     1 
HETATM 149 N N3     . 4EN A 1 5 ? -1.507  2.234   -4.113  1.00 0.00 ? 5  4EN A N3     1 
HETATM 150 H "H5'2" . 4EN A 1 5 ? -8.100  2.235   -4.729  1.00 0.00 ? 5  4EN A "H5'2" 1 
HETATM 151 H "H5'1" . 4EN A 1 5 ? -8.894  3.747   -5.202  1.00 0.00 ? 5  4EN A "H5'1" 1 
HETATM 152 H "H4'"  . 4EN A 1 5 ? -8.502  3.838   -2.784  1.00 0.00 ? 5  4EN A "H4'"  1 
HETATM 153 H "H3'"  . 4EN A 1 5 ? -7.353  5.792   -4.517  1.00 0.00 ? 5  4EN A "H3'"  1 
HETATM 154 H "H2'1" . 4EN A 1 5 ? -5.199  5.205   -4.059  1.00 0.00 ? 5  4EN A "H2'1" 1 
HETATM 155 H "H2'2" . 4EN A 1 5 ? -5.408  6.159   -2.581  1.00 0.00 ? 5  4EN A "H2'2" 1 
HETATM 156 H "H1'"  . 4EN A 1 5 ? -5.835  4.307   -1.276  1.00 0.00 ? 5  4EN A "H1'"  1 
HETATM 157 H H7     . 4EN A 1 5 ? -4.141  2.705   -0.355  1.00 0.00 ? 5  4EN A H7     1 
HETATM 158 H H61    . 4EN A 1 5 ? -2.208  1.071   0.470   1.00 0.00 ? 5  4EN A H61    1 
HETATM 159 H H62    . 4EN A 1 5 ? -0.660  0.386   -0.031  1.00 0.00 ? 5  4EN A H62    1 
HETATM 160 H H2     . 4EN A 1 5 ? 0.243   1.174   -4.118  1.00 0.00 ? 5  4EN A H2     1 
ATOM   161 P P      . DG  A 1 6 ? -7.738  7.568   -2.035  1.00 0.00 ? 6  DG  A P      1 
ATOM   162 O OP1    . DG  A 1 6 ? -8.977  8.188   -1.516  1.00 0.00 ? 6  DG  A OP1    1 
ATOM   163 O OP2    . DG  A 1 6 ? -6.933  8.305   -3.035  1.00 0.00 ? 6  DG  A OP2    1 
ATOM   164 O "O5'"  . DG  A 1 6 ? -6.819  7.167   -0.799  1.00 0.00 ? 6  DG  A "O5'"  1 
ATOM   165 C "C5'"  . DG  A 1 6 ? -7.316  6.297   0.219   1.00 0.00 ? 6  DG  A "C5'"  1 
ATOM   166 C "C4'"  . DG  A 1 6 ? -6.279  6.007   1.310   1.00 0.00 ? 6  DG  A "C4'"  1 
ATOM   167 O "O4'"  . DG  A 1 6 ? -5.228  5.153   0.847   1.00 0.00 ? 6  DG  A "O4'"  1 
ATOM   168 C "C3'"  . DG  A 1 6 ? -5.658  7.287   1.862   1.00 0.00 ? 6  DG  A "C3'"  1 
ATOM   169 O "O3'"  . DG  A 1 6 ? -5.721  7.310   3.285   1.00 0.00 ? 6  DG  A "O3'"  1 
ATOM   170 C "C2'"  . DG  A 1 6 ? -4.243  7.184   1.331   1.00 0.00 ? 6  DG  A "C2'"  1 
ATOM   171 C "C1'"  . DG  A 1 6 ? -3.998  5.677   1.307   1.00 0.00 ? 6  DG  A "C1'"  1 
ATOM   172 N N9     . DG  A 1 6 ? -2.849  5.305   0.452   1.00 0.00 ? 6  DG  A N9     1 
ATOM   173 C C8     . DG  A 1 6 ? -2.565  5.743   -0.820  1.00 0.00 ? 6  DG  A C8     1 
ATOM   174 N N7     . DG  A 1 6 ? -1.446  5.283   -1.305  1.00 0.00 ? 6  DG  A N7     1 
ATOM   175 C C5     . DG  A 1 6 ? -0.925  4.501   -0.272  1.00 0.00 ? 6  DG  A C5     1 
ATOM   176 C C6     . DG  A 1 6 ? 0.310   3.771   -0.183  1.00 0.00 ? 6  DG  A C6     1 
ATOM   177 O O6     . DG  A 1 6 ? 1.181   3.600   -1.039  1.00 0.00 ? 6  DG  A O6     1 
ATOM   178 N N1     . DG  A 1 6 ? 0.524   3.213   1.056   1.00 0.00 ? 6  DG  A N1     1 
ATOM   179 C C2     . DG  A 1 6 ? -0.362  3.280   2.076   1.00 0.00 ? 6  DG  A C2     1 
ATOM   180 N N2     . DG  A 1 6 ? 0.026   2.748   3.204   1.00 0.00 ? 6  DG  A N2     1 
ATOM   181 N N3     . DG  A 1 6 ? -1.542  3.909   2.032   1.00 0.00 ? 6  DG  A N3     1 
ATOM   182 C C4     . DG  A 1 6 ? -1.767  4.519   0.821   1.00 0.00 ? 6  DG  A C4     1 
ATOM   183 H "H5'"  . DG  A 1 6 ? -7.632  5.347   -0.216  1.00 0.00 ? 6  DG  A "H5'"  1 
ATOM   184 H "H5''" . DG  A 1 6 ? -8.184  6.761   0.687   1.00 0.00 ? 6  DG  A "H5''" 1 
ATOM   185 H "H4'"  . DG  A 1 6 ? -6.770  5.524   2.144   1.00 0.00 ? 6  DG  A "H4'"  1 
ATOM   186 H "H3'"  . DG  A 1 6 ? -6.156  8.157   1.452   1.00 0.00 ? 6  DG  A "H3'"  1 
ATOM   187 H "H2'"  . DG  A 1 6 ? -4.203  7.610   0.330   1.00 0.00 ? 6  DG  A "H2'"  1 
ATOM   188 H "H2''" . DG  A 1 6 ? -3.576  7.688   2.014   1.00 0.00 ? 6  DG  A "H2''" 1 
ATOM   189 H "H1'"  . DG  A 1 6 ? -3.808  5.422   2.348   1.00 0.00 ? 6  DG  A "H1'"  1 
ATOM   190 H H8     . DG  A 1 6 ? -3.138  6.450   -1.409  1.00 0.00 ? 6  DG  A H8     1 
ATOM   191 H H1     . DG  A 1 6 ? 1.401   2.734   1.189   1.00 0.00 ? 6  DG  A H1     1 
ATOM   192 H H21    . DG  A 1 6 ? 0.960   2.356   3.274   1.00 0.00 ? 6  DG  A H21    1 
ATOM   193 H H22    . DG  A 1 6 ? -0.585  2.775   4.006   1.00 0.00 ? 6  DG  A H22    1 
ATOM   194 P P      . DC  A 1 7 ? -5.226  8.558   4.164   1.00 0.00 ? 7  DC  A P      1 
ATOM   195 O OP1    . DC  A 1 7 ? -6.255  8.776   5.206   1.00 0.00 ? 7  DC  A OP1    1 
ATOM   196 O OP2    . DC  A 1 7 ? -4.833  9.685   3.283   1.00 0.00 ? 7  DC  A OP2    1 
ATOM   197 O "O5'"  . DC  A 1 7 ? -3.914  7.997   4.855   1.00 0.00 ? 7  DC  A "O5'"  1 
ATOM   198 C "C5'"  . DC  A 1 7 ? -4.005  7.059   5.918   1.00 0.00 ? 7  DC  A "C5'"  1 
ATOM   199 C "C4'"  . DC  A 1 7 ? -2.643  6.466   6.261   1.00 0.00 ? 7  DC  A "C4'"  1 
ATOM   200 O "O4'"  . DC  A 1 7 ? -2.090  5.859   5.106   1.00 0.00 ? 7  DC  A "O4'"  1 
ATOM   201 C "C3'"  . DC  A 1 7 ? -1.647  7.483   6.823   1.00 0.00 ? 7  DC  A "C3'"  1 
ATOM   202 O "O3'"  . DC  A 1 7 ? -1.615  7.410   8.244   1.00 0.00 ? 7  DC  A "O3'"  1 
ATOM   203 C "C2'"  . DC  A 1 7 ? -0.354  7.026   6.158   1.00 0.00 ? 7  DC  A "C2'"  1 
ATOM   204 C "C1'"  . DC  A 1 7 ? -0.682  5.922   5.178   1.00 0.00 ? 7  DC  A "C1'"  1 
ATOM   205 N N1     . DC  A 1 7 ? -0.128  6.314   3.853   1.00 0.00 ? 7  DC  A N1     1 
ATOM   206 C C2     . DC  A 1 7 ? 1.140   5.881   3.472   1.00 0.00 ? 7  DC  A C2     1 
ATOM   207 O O2     . DC  A 1 7 ? 1.884   5.291   4.257   1.00 0.00 ? 7  DC  A O2     1 
ATOM   208 N N3     . DC  A 1 7 ? 1.592   6.127   2.220   1.00 0.00 ? 7  DC  A N3     1 
ATOM   209 C C4     . DC  A 1 7 ? 0.835   6.835   1.405   1.00 0.00 ? 7  DC  A C4     1 
ATOM   210 N N4     . DC  A 1 7 ? 1.250   6.949   0.182   1.00 0.00 ? 7  DC  A N4     1 
ATOM   211 C C5     . DC  A 1 7 ? -0.390  7.431   1.790   1.00 0.00 ? 7  DC  A C5     1 
ATOM   212 C C6     . DC  A 1 7 ? -0.820  7.182   3.056   1.00 0.00 ? 7  DC  A C6     1 
ATOM   213 H "H5'"  . DC  A 1 7 ? -4.668  6.243   5.629   1.00 0.00 ? 7  DC  A "H5'"  1 
ATOM   214 H "H5''" . DC  A 1 7 ? -4.407  7.550   6.805   1.00 0.00 ? 7  DC  A "H5''" 1 
ATOM   215 H "H4'"  . DC  A 1 7 ? -2.779  5.693   7.017   1.00 0.00 ? 7  DC  A "H4'"  1 
ATOM   216 H "H3'"  . DC  A 1 7 ? -1.889  8.495   6.472   1.00 0.00 ? 7  DC  A "H3'"  1 
ATOM   217 H "H2'"  . DC  A 1 7 ? -0.009  7.848   5.558   1.00 0.00 ? 7  DC  A "H2'"  1 
ATOM   218 H "H2''" . DC  A 1 7 ? 0.401   6.685   6.850   1.00 0.00 ? 7  DC  A "H2''" 1 
ATOM   219 H "H1'"  . DC  A 1 7 ? -0.354  4.907   5.384   1.00 0.00 ? 7  DC  A "H1'"  1 
ATOM   220 H H41    . DC  A 1 7 ? 2.113   6.491   -0.076  1.00 0.00 ? 7  DC  A H41    1 
ATOM   221 H H42    . DC  A 1 7 ? 0.670   7.428   -0.492  1.00 0.00 ? 7  DC  A H42    1 
ATOM   222 H H5     . DC  A 1 7 ? -0.969  8.012   1.085   1.00 0.00 ? 7  DC  A H5     1 
ATOM   223 H H6     . DC  A 1 7 ? -1.709  7.613   3.499   1.00 0.00 ? 7  DC  A H6     1 
ATOM   224 P P      . DT  A 1 8 ? -0.912  8.519   9.157   1.00 0.00 ? 8  DT  A P      1 
ATOM   225 O OP1    . DT  A 1 8 ? -1.161  8.125   10.558  1.00 0.00 ? 8  DT  A OP1    1 
ATOM   226 O OP2    . DT  A 1 8 ? -1.346  9.867   8.728   1.00 0.00 ? 8  DT  A OP2    1 
ATOM   227 O "O5'"  . DT  A 1 8 ? 0.645   8.393   8.875   1.00 0.00 ? 8  DT  A "O5'"  1 
ATOM   228 C "C5'"  . DT  A 1 8 ? 1.437   7.353   9.435   1.00 0.00 ? 8  DT  A "C5'"  1 
ATOM   229 C "C4'"  . DT  A 1 8 ? 2.902   7.573   9.048   1.00 0.00 ? 8  DT  A "C4'"  1 
ATOM   230 O "O4'"  . DT  A 1 8 ? 3.048   7.409   7.648   1.00 0.00 ? 8  DT  A "O4'"  1 
ATOM   231 C "C3'"  . DT  A 1 8 ? 3.366   8.973   9.469   1.00 0.00 ? 8  DT  A "C3'"  1 
ATOM   232 O "O3'"  . DT  A 1 8 ? 4.490   8.859   10.317  1.00 0.00 ? 8  DT  A "O3'"  1 
ATOM   233 C "C2'"  . DT  A 1 8 ? 3.685   9.651   8.145   1.00 0.00 ? 8  DT  A "C2'"  1 
ATOM   234 C "C1'"  . DT  A 1 8 ? 3.814   8.486   7.161   1.00 0.00 ? 8  DT  A "C1'"  1 
ATOM   235 N N1     . DT  A 1 8 ? 3.350   8.808   5.780   1.00 0.00 ? 8  DT  A N1     1 
ATOM   236 C C2     . DT  A 1 8 ? 4.163   8.412   4.709   1.00 0.00 ? 8  DT  A C2     1 
ATOM   237 O O2     . DT  A 1 8 ? 5.228   7.805   4.849   1.00 0.00 ? 8  DT  A O2     1 
ATOM   238 N N3     . DT  A 1 8 ? 3.729   8.747   3.446   1.00 0.00 ? 8  DT  A N3     1 
ATOM   239 C C4     . DT  A 1 8 ? 2.577   9.452   3.150   1.00 0.00 ? 8  DT  A C4     1 
ATOM   240 O O4     . DT  A 1 8 ? 2.312   9.689   1.975   1.00 0.00 ? 8  DT  A O4     1 
ATOM   241 C C5     . DT  A 1 8 ? 1.771   9.838   4.308   1.00 0.00 ? 8  DT  A C5     1 
ATOM   242 C C7     . DT  A 1 8 ? 0.494   10.656  4.134   1.00 0.00 ? 8  DT  A C7     1 
ATOM   243 C C6     . DT  A 1 8 ? 2.166   9.492   5.560   1.00 0.00 ? 8  DT  A C6     1 
ATOM   244 H "H5'"  . DT  A 1 8 ? 1.099   6.383   9.074   1.00 0.00 ? 8  DT  A "H5'"  1 
ATOM   245 H "H5''" . DT  A 1 8 ? 1.359   7.371   10.522  1.00 0.00 ? 8  DT  A "H5''" 1 
ATOM   246 H "H4'"  . DT  A 1 8 ? 3.553   6.844   9.525   1.00 0.00 ? 8  DT  A "H4'"  1 
ATOM   247 H "H3'"  . DT  A 1 8 ? 2.560   9.506   9.982   1.00 0.00 ? 8  DT  A "H3'"  1 
ATOM   248 H "H2'"  . DT  A 1 8 ? 2.871   10.322  7.897   1.00 0.00 ? 8  DT  A "H2'"  1 
ATOM   249 H "H2''" . DT  A 1 8 ? 4.615   10.215  8.181   1.00 0.00 ? 8  DT  A "H2''" 1 
ATOM   250 H "H1'"  . DT  A 1 8 ? 4.877   8.237   7.166   1.00 0.00 ? 8  DT  A "H1'"  1 
ATOM   251 H H3     . DT  A 1 8 ? 4.319   8.472   2.672   1.00 0.00 ? 8  DT  A H3     1 
ATOM   252 H H71    . DT  A 1 8 ? -0.169  10.179  3.417   1.00 0.00 ? 8  DT  A H71    1 
ATOM   253 H H72    . DT  A 1 8 ? 0.745   11.631  3.720   1.00 0.00 ? 8  DT  A H72    1 
ATOM   254 H H73    . DT  A 1 8 ? -0.042  10.795  5.081   1.00 0.00 ? 8  DT  A H73    1 
ATOM   255 H H6     . DT  A 1 8 ? 1.552   9.800   6.397   1.00 0.00 ? 8  DT  A H6     1 
ATOM   256 P P      . DC  A 1 9 ? 5.119   10.103  11.082  1.00 0.00 ? 9  DC  A P      1 
ATOM   257 O OP1    . DC  A 1 9 ? 5.674   9.570   12.345  1.00 0.00 ? 9  DC  A OP1    1 
ATOM   258 O OP2    . DC  A 1 9 ? 4.141   11.219  11.099  1.00 0.00 ? 9  DC  A OP2    1 
ATOM   259 O "O5'"  . DC  A 1 9 ? 6.307   10.536  10.123  1.00 0.00 ? 9  DC  A "O5'"  1 
ATOM   260 C "C5'"  . DC  A 1 9 ? 7.292   9.614   9.669   1.00 0.00 ? 9  DC  A "C5'"  1 
ATOM   261 C "C4'"  . DC  A 1 9 ? 8.027   10.178  8.447   1.00 0.00 ? 9  DC  A "C4'"  1 
ATOM   262 O "O4'"  . DC  A 1 9 ? 7.227   10.064  7.279   1.00 0.00 ? 9  DC  A "O4'"  1 
ATOM   263 C "C3'"  . DC  A 1 9 ? 8.357   11.674  8.530   1.00 0.00 ? 9  DC  A "C3'"  1 
ATOM   264 O "O3'"  . DC  A 1 9 ? 9.531   11.945  9.282   1.00 0.00 ? 9  DC  A "O3'"  1 
ATOM   265 C "C2'"  . DC  A 1 9 ? 8.531   12.034  7.058   1.00 0.00 ? 9  DC  A "C2'"  1 
ATOM   266 C "C1'"  . DC  A 1 9 ? 7.746   10.953  6.302   1.00 0.00 ? 9  DC  A "C1'"  1 
ATOM   267 N N1     . DC  A 1 9 ? 6.629   11.486  5.468   1.00 0.00 ? 9  DC  A N1     1 
ATOM   268 C C2     . DC  A 1 9 ? 6.668   11.331  4.076   1.00 0.00 ? 9  DC  A C2     1 
ATOM   269 O O2     . DC  A 1 9 ? 7.635   10.821  3.508   1.00 0.00 ? 9  DC  A O2     1 
ATOM   270 N N3     . DC  A 1 9 ? 5.629   11.716  3.303   1.00 0.00 ? 9  DC  A N3     1 
ATOM   271 C C4     . DC  A 1 9 ? 4.609   12.311  3.880   1.00 0.00 ? 9  DC  A C4     1 
ATOM   272 N N4     . DC  A 1 9 ? 3.639   12.636  3.078   1.00 0.00 ? 9  DC  A N4     1 
ATOM   273 C C5     . DC  A 1 9 ? 4.522   12.538  5.282   1.00 0.00 ? 9  DC  A C5     1 
ATOM   274 C C6     . DC  A 1 9 ? 5.552   12.103  6.051   1.00 0.00 ? 9  DC  A C6     1 
ATOM   275 H "H5'"  . DC  A 1 9 ? 6.827   8.671   9.377   1.00 0.00 ? 9  DC  A "H5'"  1 
ATOM   276 H "H5''" . DC  A 1 9 ? 8.007   9.407   10.466  1.00 0.00 ? 9  DC  A "H5''" 1 
ATOM   277 H "H4'"  . DC  A 1 9 ? 8.953   9.614   8.311   1.00 0.00 ? 9  DC  A "H4'"  1 
ATOM   278 H "H3'"  . DC  A 1 9 ? 7.504   12.226  8.929   1.00 0.00 ? 9  DC  A "H3'"  1 
ATOM   279 H "HO3'" . DC  A 1 9 ? 9.335   11.733  10.223  1.00 0.00 ? 9  DC  A "HO3'" 1 
ATOM   280 H "H2'"  . DC  A 1 9 ? 8.156   13.039  6.856   1.00 0.00 ? 9  DC  A "H2'"  1 
ATOM   281 H "H2''" . DC  A 1 9 ? 9.580   11.963  6.778   1.00 0.00 ? 9  DC  A "H2''" 1 
ATOM   282 H "H1'"  . DC  A 1 9 ? 8.449   10.410  5.667   1.00 0.00 ? 9  DC  A "H1'"  1 
ATOM   283 H H41    . DC  A 1 9 ? 3.741   12.384  2.104   1.00 0.00 ? 9  DC  A H41    1 
ATOM   284 H H42    . DC  A 1 9 ? 2.825   13.139  3.418   1.00 0.00 ? 9  DC  A H42    1 
ATOM   285 H H5     . DC  A 1 9 ? 3.677   13.048  5.715   1.00 0.00 ? 9  DC  A H5     1 
ATOM   286 H H6     . DC  A 1 9 ? 5.542   12.197  7.130   1.00 0.00 ? 9  DC  A H6     1 
ATOM   287 O "O5'"  . DG  B 2 1 ? 6.605   13.348  -7.530  1.00 0.00 ? 10 DG  B "O5'"  1 
ATOM   288 C "C5'"  . DG  B 2 1 ? 7.983   13.623  -7.305  1.00 0.00 ? 10 DG  B "C5'"  1 
ATOM   289 C "C4'"  . DG  B 2 1 ? 8.612   12.714  -6.237  1.00 0.00 ? 10 DG  B "C4'"  1 
ATOM   290 O "O4'"  . DG  B 2 1 ? 7.876   12.811  -5.021  1.00 0.00 ? 10 DG  B "O4'"  1 
ATOM   291 C "C3'"  . DG  B 2 1 ? 8.647   11.236  -6.650  1.00 0.00 ? 10 DG  B "C3'"  1 
ATOM   292 O "O3'"  . DG  B 2 1 ? 9.946   10.720  -6.381  1.00 0.00 ? 10 DG  B "O3'"  1 
ATOM   293 C "C2'"  . DG  B 2 1 ? 7.576   10.626  -5.752  1.00 0.00 ? 10 DG  B "C2'"  1 
ATOM   294 C "C1'"  . DG  B 2 1 ? 7.665   11.507  -4.501  1.00 0.00 ? 10 DG  B "C1'"  1 
ATOM   295 N N9     . DG  B 2 1 ? 6.476   11.552  -3.608  1.00 0.00 ? 10 DG  B N9     1 
ATOM   296 C C8     . DG  B 2 1 ? 5.191   11.950  -3.909  1.00 0.00 ? 10 DG  B C8     1 
ATOM   297 N N7     . DG  B 2 1 ? 4.430   12.172  -2.866  1.00 0.00 ? 10 DG  B N7     1 
ATOM   298 C C5     . DG  B 2 1 ? 5.265   11.846  -1.783  1.00 0.00 ? 10 DG  B C5     1 
ATOM   299 C C6     . DG  B 2 1 ? 5.054   11.918  -0.359  1.00 0.00 ? 10 DG  B C6     1 
ATOM   300 O O6     . DG  B 2 1 ? 4.072   12.315  0.272   1.00 0.00 ? 10 DG  B O6     1 
ATOM   301 N N1     . DG  B 2 1 ? 6.134   11.503  0.385   1.00 0.00 ? 10 DG  B N1     1 
ATOM   302 C C2     . DG  B 2 1 ? 7.314   11.127  -0.155  1.00 0.00 ? 10 DG  B C2     1 
ATOM   303 N N2     . DG  B 2 1 ? 8.248   10.787  0.689   1.00 0.00 ? 10 DG  B N2     1 
ATOM   304 N N3     . DG  B 2 1 ? 7.577   11.075  -1.459  1.00 0.00 ? 10 DG  B N3     1 
ATOM   305 C C4     . DG  B 2 1 ? 6.506   11.443  -2.232  1.00 0.00 ? 10 DG  B C4     1 
ATOM   306 H "H5'"  . DG  B 2 1 ? 8.091   14.657  -6.975  1.00 0.00 ? 10 DG  B "H5'"  1 
ATOM   307 H "H5''" . DG  B 2 1 ? 8.537   13.504  -8.237  1.00 0.00 ? 10 DG  B "H5''" 1 
ATOM   308 H "H4'"  . DG  B 2 1 ? 9.636   13.054  -6.072  1.00 0.00 ? 10 DG  B "H4'"  1 
ATOM   309 H "H3'"  . DG  B 2 1 ? 8.401   11.163  -7.711  1.00 0.00 ? 10 DG  B "H3'"  1 
ATOM   310 H "H2'"  . DG  B 2 1 ? 6.604   10.702  -6.236  1.00 0.00 ? 10 DG  B "H2'"  1 
ATOM   311 H "H2''" . DG  B 2 1 ? 7.817   9.598   -5.543  1.00 0.00 ? 10 DG  B "H2''" 1 
ATOM   312 H "H1'"  . DG  B 2 1 ? 8.557   11.248  -3.920  1.00 0.00 ? 10 DG  B "H1'"  1 
ATOM   313 H H8     . DG  B 2 1 ? 4.861   12.140  -4.923  1.00 0.00 ? 10 DG  B H8     1 
ATOM   314 H H1     . DG  B 2 1 ? 6.042   11.529  1.388   1.00 0.00 ? 10 DG  B H1     1 
ATOM   315 H H21    . DG  B 2 1 ? 8.069   10.795  1.685   1.00 0.00 ? 10 DG  B H21    1 
ATOM   316 H H22    . DG  B 2 1 ? 9.151   10.536  0.305   1.00 0.00 ? 10 DG  B H22    1 
ATOM   317 H "HO5'" . DG  B 2 1 ? 6.110   13.855  -6.847  1.00 0.00 ? 10 DG  B "HO5'" 1 
ATOM   318 P P      . DA  B 2 2 ? 10.438  9.268   -6.829  1.00 0.00 ? 11 DA  B P      1 
ATOM   319 O OP1    . DA  B 2 2 ? 11.850  9.434   -7.245  1.00 0.00 ? 11 DA  B OP1    1 
ATOM   320 O OP2    . DA  B 2 2 ? 9.500   8.712   -7.828  1.00 0.00 ? 11 DA  B OP2    1 
ATOM   321 O "O5'"  . DA  B 2 2 ? 10.372  8.348   -5.520  1.00 0.00 ? 11 DA  B "O5'"  1 
ATOM   322 C "C5'"  . DA  B 2 2 ? 11.295  8.530   -4.454  1.00 0.00 ? 11 DA  B "C5'"  1 
ATOM   323 C "C4'"  . DA  B 2 2 ? 11.165  7.527   -3.289  1.00 0.00 ? 11 DA  B "C4'"  1 
ATOM   324 O "O4'"  . DA  B 2 2 ? 10.112  7.937   -2.422  1.00 0.00 ? 11 DA  B "O4'"  1 
ATOM   325 C "C3'"  . DA  B 2 2 ? 10.908  6.075   -3.717  1.00 0.00 ? 11 DA  B "C3'"  1 
ATOM   326 O "O3'"  . DA  B 2 2 ? 11.689  5.122   -2.990  1.00 0.00 ? 11 DA  B "O3'"  1 
ATOM   327 C "C2'"  . DA  B 2 2 ? 9.424   5.932   -3.418  1.00 0.00 ? 11 DA  B "C2'"  1 
ATOM   328 C "C1'"  . DA  B 2 2 ? 9.266   6.826   -2.190  1.00 0.00 ? 11 DA  B "C1'"  1 
ATOM   329 N N9     . DA  B 2 2 ? 7.876   7.273   -1.977  1.00 0.00 ? 11 DA  B N9     1 
ATOM   330 C C8     . DA  B 2 2 ? 6.997   7.699   -2.929  1.00 0.00 ? 11 DA  B C8     1 
ATOM   331 N N7     . DA  B 2 2 ? 5.830   8.071   -2.487  1.00 0.00 ? 11 DA  B N7     1 
ATOM   332 C C5     . DA  B 2 2 ? 5.967   7.898   -1.107  1.00 0.00 ? 11 DA  B C5     1 
ATOM   333 C C6     . DA  B 2 2 ? 5.130   8.179   -0.011  1.00 0.00 ? 11 DA  B C6     1 
ATOM   334 N N6     . DA  B 2 2 ? 3.931   8.714   -0.136  1.00 0.00 ? 11 DA  B N6     1 
ATOM   335 N N1     . DA  B 2 2 ? 5.520   7.925   1.240   1.00 0.00 ? 11 DA  B N1     1 
ATOM   336 C C2     . DA  B 2 2 ? 6.734   7.405   1.403   1.00 0.00 ? 11 DA  B C2     1 
ATOM   337 N N3     . DA  B 2 2 ? 7.646   7.106   0.480   1.00 0.00 ? 11 DA  B N3     1 
ATOM   338 C C4     . DA  B 2 2 ? 7.198   7.397   -0.777  1.00 0.00 ? 11 DA  B C4     1 
ATOM   339 H "H5'"  . DA  B 2 2 ? 11.187  9.539   -4.054  1.00 0.00 ? 11 DA  B "H5'"  1 
ATOM   340 H "H5''" . DA  B 2 2 ? 12.304  8.439   -4.854  1.00 0.00 ? 11 DA  B "H5''" 1 
ATOM   341 H "H4'"  . DA  B 2 2 ? 12.104  7.593   -2.748  1.00 0.00 ? 11 DA  B "H4'"  1 
ATOM   342 H "H3'"  . DA  B 2 2 ? 11.095  5.958   -4.774  1.00 0.00 ? 11 DA  B "H3'"  1 
ATOM   343 H "H2'"  . DA  B 2 2 ? 8.796   6.232   -4.255  1.00 0.00 ? 11 DA  B "H2'"  1 
ATOM   344 H "H2''" . DA  B 2 2 ? 9.193   4.914   -3.201  1.00 0.00 ? 11 DA  B "H2''" 1 
ATOM   345 H "H1'"  . DA  B 2 2 ? 9.625   6.281   -1.324  1.00 0.00 ? 11 DA  B "H1'"  1 
ATOM   346 H H8     . DA  B 2 2 ? 7.259   7.847   -3.959  1.00 0.00 ? 11 DA  B H8     1 
ATOM   347 H H61    . DA  B 2 2 ? 3.583   8.931   -1.063  1.00 0.00 ? 11 DA  B H61    1 
ATOM   348 H H62    . DA  B 2 2 ? 3.396   8.951   0.686   1.00 0.00 ? 11 DA  B H62    1 
ATOM   349 H H2     . DA  B 2 2 ? 7.015   7.196   2.425   1.00 0.00 ? 11 DA  B H2     1 
ATOM   350 P P      . DG  B 2 3 ? 11.653  3.542   -3.330  1.00 0.00 ? 12 DG  B P      1 
ATOM   351 O OP1    . DG  B 2 3 ? 13.047  3.068   -3.463  1.00 0.00 ? 12 DG  B OP1    1 
ATOM   352 O OP2    . DG  B 2 3 ? 10.732  3.294   -4.461  1.00 0.00 ? 12 DG  B OP2    1 
ATOM   353 O "O5'"  . DG  B 2 3 ? 11.032  2.857   -2.030  1.00 0.00 ? 12 DG  B "O5'"  1 
ATOM   354 C "C5'"  . DG  B 2 3 ? 11.777  2.835   -0.813  1.00 0.00 ? 12 DG  B "C5'"  1 
ATOM   355 C "C4'"  . DG  B 2 3 ? 10.916  2.650   0.437   1.00 0.00 ? 12 DG  B "C4'"  1 
ATOM   356 O "O4'"  . DG  B 2 3 ? 9.827   3.552   0.370   1.00 0.00 ? 12 DG  B "O4'"  1 
ATOM   357 C "C3'"  . DG  B 2 3 ? 10.382  1.223   0.661   1.00 0.00 ? 12 DG  B "C3'"  1 
ATOM   358 O "O3'"  . DG  B 2 3 ? 10.743  0.794   1.974   1.00 0.00 ? 12 DG  B "O3'"  1 
ATOM   359 C "C2'"  . DG  B 2 3 ? 8.896   1.413   0.444   1.00 0.00 ? 12 DG  B "C2'"  1 
ATOM   360 C "C1'"  . DG  B 2 3 ? 8.674   2.873   0.807   1.00 0.00 ? 12 DG  B "C1'"  1 
ATOM   361 N N9     . DG  B 2 3 ? 7.504   3.434   0.107   1.00 0.00 ? 12 DG  B N9     1 
ATOM   362 C C8     . DG  B 2 3 ? 7.277   3.520   -1.243  1.00 0.00 ? 12 DG  B C8     1 
ATOM   363 N N7     . DG  B 2 3 ? 6.146   4.087   -1.571  1.00 0.00 ? 12 DG  B N7     1 
ATOM   364 C C5     . DG  B 2 3 ? 5.564   4.355   -0.325  1.00 0.00 ? 12 DG  B C5     1 
ATOM   365 C C6     . DG  B 2 3 ? 4.300   4.935   0.023   1.00 0.00 ? 12 DG  B C6     1 
ATOM   366 O O6     . DG  B 2 3 ? 3.436   5.404   -0.715  1.00 0.00 ? 12 DG  B O6     1 
ATOM   367 N N1     . DG  B 2 3 ? 4.055   4.952   1.377   1.00 0.00 ? 12 DG  B N1     1 
ATOM   368 C C2     . DG  B 2 3 ? 4.930   4.517   2.309   1.00 0.00 ? 12 DG  B C2     1 
ATOM   369 N N2     . DG  B 2 3 ? 4.545   4.563   3.552   1.00 0.00 ? 12 DG  B N2     1 
ATOM   370 N N3     . DG  B 2 3 ? 6.133   4.016   2.048   1.00 0.00 ? 12 DG  B N3     1 
ATOM   371 C C4     . DG  B 2 3 ? 6.384   3.946   0.705   1.00 0.00 ? 12 DG  B C4     1 
ATOM   372 H "H5'"  . DG  B 2 3 ? 12.313  3.778   -0.700  1.00 0.00 ? 12 DG  B "H5'"  1 
ATOM   373 H "H5''" . DG  B 2 3 ? 12.504  2.029   -0.845  1.00 0.00 ? 12 DG  B "H5''" 1 
ATOM   374 H "H4'"  . DG  B 2 3 ? 11.510  2.922   1.309   1.00 0.00 ? 12 DG  B "H4'"  1 
ATOM   375 H "H3'"  . DG  B 2 3 ? 10.731  0.524   -0.096  1.00 0.00 ? 12 DG  B "H3'"  1 
ATOM   376 H "H2'"  . DG  B 2 3 ? 8.704   1.252   -0.616  1.00 0.00 ? 12 DG  B "H2'"  1 
ATOM   377 H "H2''" . DG  B 2 3 ? 8.300   0.745   1.053   1.00 0.00 ? 12 DG  B "H2''" 1 
ATOM   378 H "H1'"  . DG  B 2 3 ? 8.579   3.013   1.886   1.00 0.00 ? 12 DG  B "H1'"  1 
ATOM   379 H H8     . DG  B 2 3 ? 7.985   3.137   -1.964  1.00 0.00 ? 12 DG  B H8     1 
ATOM   380 H H1     . DG  B 2 3 ? 3.179   5.338   1.683   1.00 0.00 ? 12 DG  B H1     1 
ATOM   381 H H21    . DG  B 2 3 ? 3.602   4.861   3.779   1.00 0.00 ? 12 DG  B H21    1 
ATOM   382 H H22    . DG  B 2 3 ? 5.184   4.240   4.258   1.00 0.00 ? 12 DG  B H22    1 
ATOM   383 P P      . DC  B 2 4 ? 10.355  -0.634  2.587   1.00 0.00 ? 13 DC  B P      1 
ATOM   384 O OP1    . DC  B 2 4 ? 11.316  -0.948  3.669   1.00 0.00 ? 13 DC  B OP1    1 
ATOM   385 O OP2    . DC  B 2 4 ? 10.158  -1.625  1.501   1.00 0.00 ? 13 DC  B OP2    1 
ATOM   386 O "O5'"  . DC  B 2 4 ? 8.943   -0.388  3.283   1.00 0.00 ? 13 DC  B "O5'"  1 
ATOM   387 C "C5'"  . DC  B 2 4 ? 8.835   0.477   4.409   1.00 0.00 ? 13 DC  B "C5'"  1 
ATOM   388 C "C4'"  . DC  B 2 4 ? 7.435   0.506   5.030   1.00 0.00 ? 13 DC  B "C4'"  1 
ATOM   389 O "O4'"  . DC  B 2 4 ? 6.558   1.265   4.215   1.00 0.00 ? 13 DC  B "O4'"  1 
ATOM   390 C "C3'"  . DC  B 2 4 ? 6.831   -0.889  5.275   1.00 0.00 ? 13 DC  B "C3'"  1 
ATOM   391 O "O3'"  . DC  B 2 4 ? 6.581   -1.116  6.661   1.00 0.00 ? 13 DC  B "O3'"  1 
ATOM   392 C "C2'"  . DC  B 2 4 ? 5.539   -0.845  4.450   1.00 0.00 ? 13 DC  B "C2'"  1 
ATOM   393 C "C1'"  . DC  B 2 4 ? 5.295   0.636   4.145   1.00 0.00 ? 13 DC  B "C1'"  1 
ATOM   394 N N1     . DC  B 2 4 ? 4.762   0.851   2.771   1.00 0.00 ? 13 DC  B N1     1 
ATOM   395 C C2     . DC  B 2 4 ? 3.501   1.431   2.581   1.00 0.00 ? 13 DC  B C2     1 
ATOM   396 O O2     . DC  B 2 4 ? 2.733   1.656   3.522   1.00 0.00 ? 13 DC  B O2     1 
ATOM   397 N N3     . DC  B 2 4 ? 3.074   1.742   1.329   1.00 0.00 ? 13 DC  B N3     1 
ATOM   398 C C4     . DC  B 2 4 ? 3.844   1.423   0.303   1.00 0.00 ? 13 DC  B C4     1 
ATOM   399 N N4     . DC  B 2 4 ? 3.397   1.754   -0.871  1.00 0.00 ? 13 DC  B N4     1 
ATOM   400 C C5     . DC  B 2 4 ? 5.100   0.771   0.430   1.00 0.00 ? 13 DC  B C5     1 
ATOM   401 C C6     . DC  B 2 4 ? 5.529   0.501   1.685   1.00 0.00 ? 13 DC  B C6     1 
ATOM   402 H "H5'"  . DC  B 2 4 ? 9.111   1.493   4.119   1.00 0.00 ? 13 DC  B "H5'"  1 
ATOM   403 H "H5''" . DC  B 2 4 ? 9.531   0.148   5.180   1.00 0.00 ? 13 DC  B "H5''" 1 
ATOM   404 H "H4'"  . DC  B 2 4 ? 7.516   1.022   5.983   1.00 0.00 ? 13 DC  B "H4'"  1 
ATOM   405 H "H3'"  . DC  B 2 4 ? 7.515   -1.658  4.899   1.00 0.00 ? 13 DC  B "H3'"  1 
ATOM   406 H "H2'"  . DC  B 2 4 ? 5.676   -1.409  3.526   1.00 0.00 ? 13 DC  B "H2'"  1 
ATOM   407 H "H2''" . DC  B 2 4 ? 4.693   -1.252  4.997   1.00 0.00 ? 13 DC  B "H2''" 1 
ATOM   408 H "H1'"  . DC  B 2 4 ? 4.630   1.067   4.900   1.00 0.00 ? 13 DC  B "H1'"  1 
ATOM   409 H H41    . DC  B 2 4 ? 2.524   2.258   -0.920  1.00 0.00 ? 13 DC  B H41    1 
ATOM   410 H H42    . DC  B 2 4 ? 3.898   1.442   -1.694  1.00 0.00 ? 13 DC  B H42    1 
ATOM   411 H H5     . DC  B 2 4 ? 5.708   0.468   -0.415  1.00 0.00 ? 13 DC  B H5     1 
ATOM   412 H H6     . DC  B 2 4 ? 6.482   0.012   1.858   1.00 0.00 ? 13 DC  B H6     1 
ATOM   413 P P      . DT  B 2 5 ? 6.133   -2.560  7.223   1.00 0.00 ? 14 DT  B P      1 
ATOM   414 O OP1    . DT  B 2 5 ? 6.551   -2.610  8.640   1.00 0.00 ? 14 DT  B OP1    1 
ATOM   415 O OP2    . DT  B 2 5 ? 6.619   -3.601  6.300   1.00 0.00 ? 14 DT  B OP2    1 
ATOM   416 O "O5'"  . DT  B 2 5 ? 4.544   -2.562  7.164   1.00 0.00 ? 14 DT  B "O5'"  1 
ATOM   417 C "C5'"  . DT  B 2 5 ? 3.773   -1.797  8.076   1.00 0.00 ? 14 DT  B "C5'"  1 
ATOM   418 C "C4'"  . DT  B 2 5 ? 2.272   -1.842  7.766   1.00 0.00 ? 14 DT  B "C4'"  1 
ATOM   419 O "O4'"  . DT  B 2 5 ? 2.004   -1.142  6.557   1.00 0.00 ? 14 DT  B "O4'"  1 
ATOM   420 C "C3'"  . DT  B 2 5 ? 1.667   -3.263  7.618   1.00 0.00 ? 14 DT  B "C3'"  1 
ATOM   421 O "O3'"  . DT  B 2 5 ? 0.605   -3.454  8.545   1.00 0.00 ? 14 DT  B "O3'"  1 
ATOM   422 C "C2'"  . DT  B 2 5 ? 1.215   -3.300  6.153   1.00 0.00 ? 14 DT  B "C2'"  1 
ATOM   423 C "C1'"  . DT  B 2 5 ? 0.958   -1.818  5.886   1.00 0.00 ? 14 DT  B "C1'"  1 
ATOM   424 N N1     . DT  B 2 5 ? 0.978   -1.447  4.448   1.00 0.00 ? 14 DT  B N1     1 
ATOM   425 C C2     . DT  B 2 5 ? -0.050  -0.628  3.965   1.00 0.00 ? 14 DT  B C2     1 
ATOM   426 O O2     . DT  B 2 5 ? -0.906  -0.114  4.684   1.00 0.00 ? 14 DT  B O2     1 
ATOM   427 N N3     . DT  B 2 5 ? -0.074  -0.392  2.613   1.00 0.00 ? 14 DT  B N3     1 
ATOM   428 C C4     . DT  B 2 5 ? 0.812   -0.910  1.696   1.00 0.00 ? 14 DT  B C4     1 
ATOM   429 O O4     . DT  B 2 5 ? 0.674   -0.641  0.508   1.00 0.00 ? 14 DT  B O4     1 
ATOM   430 C C5     . DT  B 2 5 ? 1.859   -1.752  2.258   1.00 0.00 ? 14 DT  B C5     1 
ATOM   431 C C7     . DT  B 2 5 ? 2.816   -2.450  1.314   1.00 0.00 ? 14 DT  B C7     1 
ATOM   432 C C6     . DT  B 2 5 ? 1.932   -1.966  3.599   1.00 0.00 ? 14 DT  B C6     1 
ATOM   433 H "H5'"  . DT  B 2 5 ? 4.097   -0.756  8.048   1.00 0.00 ? 14 DT  B "H5'"  1 
ATOM   434 H "H5''" . DT  B 2 5 ? 3.931   -2.173  9.087   1.00 0.00 ? 14 DT  B "H5''" 1 
ATOM   435 H "H4'"  . DT  B 2 5 ? 1.794   -1.294  8.583   1.00 0.00 ? 14 DT  B "H4'"  1 
ATOM   436 H "H3'"  . DT  B 2 5 ? 2.449   -4.018  7.729   1.00 0.00 ? 14 DT  B "H3'"  1 
ATOM   437 H "H2'"  . DT  B 2 5 ? 2.060   -3.676  5.582   1.00 0.00 ? 14 DT  B "H2'"  1 
ATOM   438 H "H2''" . DT  B 2 5 ? 0.347   -3.937  5.915   1.00 0.00 ? 14 DT  B "H2''" 1 
ATOM   439 H "H1'"  . DT  B 2 5 ? -0.005  -1.553  6.340   1.00 0.00 ? 14 DT  B "H1'"  1 
ATOM   440 H H3     . DT  B 2 5 ? -0.862  0.132   2.266   1.00 0.00 ? 14 DT  B H3     1 
ATOM   441 H H71    . DT  B 2 5 ? 3.448   -3.165  1.840   1.00 0.00 ? 14 DT  B H71    1 
ATOM   442 H H72    . DT  B 2 5 ? 3.416   -1.711  0.792   1.00 0.00 ? 14 DT  B H72    1 
ATOM   443 H H73    . DT  B 2 5 ? 2.219   -2.983  0.571   1.00 0.00 ? 14 DT  B H73    1 
ATOM   444 H H6     . DT  B 2 5 ? 2.727   -2.570  4.020   1.00 0.00 ? 14 DT  B H6     1 
ATOM   445 P P      . DC  B 2 6 ? -0.347  -4.742  8.545   1.00 0.00 ? 15 DC  B P      1 
ATOM   446 O OP1    . DC  B 2 6 ? -0.751  -4.989  9.946   1.00 0.00 ? 15 DC  B OP1    1 
ATOM   447 O OP2    . DC  B 2 6 ? 0.309   -5.834  7.789   1.00 0.00 ? 15 DC  B OP2    1 
ATOM   448 O "O5'"  . DC  B 2 6 ? -1.656  -4.263  7.749   1.00 0.00 ? 15 DC  B "O5'"  1 
ATOM   449 C "C5'"  . DC  B 2 6 ? -2.421  -3.163  8.238   1.00 0.00 ? 15 DC  B "C5'"  1 
ATOM   450 C "C4'"  . DC  B 2 6 ? -3.769  -2.893  7.543   1.00 0.00 ? 15 DC  B "C4'"  1 
ATOM   451 O "O4'"  . DC  B 2 6 ? -3.609  -2.450  6.198   1.00 0.00 ? 15 DC  B "O4'"  1 
ATOM   452 C "C3'"  . DC  B 2 6 ? -4.741  -4.075  7.518   1.00 0.00 ? 15 DC  B "C3'"  1 
ATOM   453 O "O3'"  . DC  B 2 6 ? -6.046  -3.544  7.719   1.00 0.00 ? 15 DC  B "O3'"  1 
ATOM   454 C "C2'"  . DC  B 2 6 ? -4.536  -4.656  6.124   1.00 0.00 ? 15 DC  B "C2'"  1 
ATOM   455 C "C1'"  . DC  B 2 6 ? -4.023  -3.467  5.296   1.00 0.00 ? 15 DC  B "C1'"  1 
ATOM   456 N N1     . DC  B 2 6 ? -2.924  -3.702  4.303   1.00 0.00 ? 15 DC  B N1     1 
ATOM   457 C C2     . DC  B 2 6 ? -2.898  -2.873  3.174   1.00 0.00 ? 15 DC  B C2     1 
ATOM   458 O O2     . DC  B 2 6 ? -3.733  -1.990  2.991   1.00 0.00 ? 15 DC  B O2     1 
ATOM   459 N N3     . DC  B 2 6 ? -1.954  -3.021  2.210   1.00 0.00 ? 15 DC  B N3     1 
ATOM   460 C C4     . DC  B 2 6 ? -1.063  -3.978  2.365   1.00 0.00 ? 15 DC  B C4     1 
ATOM   461 N N4     . DC  B 2 6 ? -0.201  -4.112  1.397   1.00 0.00 ? 15 DC  B N4     1 
ATOM   462 C C5     . DC  B 2 6 ? -1.012  -4.833  3.490   1.00 0.00 ? 15 DC  B C5     1 
ATOM   463 C C6     . DC  B 2 6 ? -1.959  -4.679  4.450   1.00 0.00 ? 15 DC  B C6     1 
ATOM   464 H "H5'"  . DC  B 2 6 ? -1.819  -2.255  8.171   1.00 0.00 ? 15 DC  B "H5'"  1 
ATOM   465 H "H5''" . DC  B 2 6 ? -2.638  -3.330  9.294   1.00 0.00 ? 15 DC  B "H5''" 1 
ATOM   466 H "H4'"  . DC  B 2 6 ? -4.243  -2.088  8.107   1.00 0.00 ? 15 DC  B "H4'"  1 
ATOM   467 H "H3'"  . DC  B 2 6 ? -4.491  -4.803  8.291   1.00 0.00 ? 15 DC  B "H3'"  1 
ATOM   468 H "H2'"  . DC  B 2 6 ? -3.863  -5.503  6.159   1.00 0.00 ? 15 DC  B "H2'"  1 
ATOM   469 H "H2''" . DC  B 2 6 ? -5.479  -5.010  5.717   1.00 0.00 ? 15 DC  B "H2''" 1 
ATOM   470 H "H1'"  . DC  B 2 6 ? -4.934  -3.179  4.764   1.00 0.00 ? 15 DC  B "H1'"  1 
ATOM   471 H H41    . DC  B 2 6 ? -0.327  -3.570  0.558   1.00 0.00 ? 15 DC  B H41    1 
ATOM   472 H H42    . DC  B 2 6 ? 0.514   -4.828  1.459   1.00 0.00 ? 15 DC  B H42    1 
ATOM   473 H H5     . DC  B 2 6 ? -0.288  -5.636  3.508   1.00 0.00 ? 15 DC  B H5     1 
ATOM   474 H H6     . DC  B 2 6 ? -2.008  -5.340  5.303   1.00 0.00 ? 15 DC  B H6     1 
ATOM   475 P P      . DC  B 2 7 ? -7.377  -4.422  7.818   1.00 0.00 ? 16 DC  B P      1 
ATOM   476 O OP1    . DC  B 2 7 ? -8.319  -3.689  8.693   1.00 0.00 ? 16 DC  B OP1    1 
ATOM   477 O OP2    . DC  B 2 7 ? -7.015  -5.815  8.164   1.00 0.00 ? 16 DC  B OP2    1 
ATOM   478 O "O5'"  . DC  B 2 7 ? -7.957  -4.416  6.318   1.00 0.00 ? 16 DC  B "O5'"  1 
ATOM   479 C "C5'"  . DC  B 2 7 ? -8.304  -3.183  5.690   1.00 0.00 ? 16 DC  B "C5'"  1 
ATOM   480 C "C4'"  . DC  B 2 7 ? -8.603  -3.254  4.180   1.00 0.00 ? 16 DC  B "C4'"  1 
ATOM   481 O "O4'"  . DC  B 2 7 ? -7.426  -3.533  3.436   1.00 0.00 ? 16 DC  B "O4'"  1 
ATOM   482 C "C3'"  . DC  B 2 7 ? -9.685  -4.278  3.815   1.00 0.00 ? 16 DC  B "C3'"  1 
ATOM   483 O "O3'"  . DC  B 2 7 ? -10.495 -3.751  2.767   1.00 0.00 ? 16 DC  B "O3'"  1 
ATOM   484 C "C2'"  . DC  B 2 7 ? -8.808  -5.456  3.368   1.00 0.00 ? 16 DC  B "C2'"  1 
ATOM   485 C "C1'"  . DC  B 2 7 ? -7.654  -4.703  2.678   1.00 0.00 ? 16 DC  B "C1'"  1 
ATOM   486 N N1     . DC  B 2 7 ? -6.343  -5.411  2.470   1.00 0.00 ? 16 DC  B N1     1 
ATOM   487 C C2     . DC  B 2 7 ? -5.592  -5.067  1.337   1.00 0.00 ? 16 DC  B C2     1 
ATOM   488 O O2     . DC  B 2 7 ? -6.022  -4.272  0.494   1.00 0.00 ? 16 DC  B O2     1 
ATOM   489 N N3     . DC  B 2 7 ? -4.372  -5.609  1.123   1.00 0.00 ? 16 DC  B N3     1 
ATOM   490 C C4     . DC  B 2 7 ? -3.916  -6.501  1.980   1.00 0.00 ? 16 DC  B C4     1 
ATOM   491 N N4     . DC  B 2 7 ? -2.736  -6.981  1.735   1.00 0.00 ? 16 DC  B N4     1 
ATOM   492 C C5     . DC  B 2 7 ? -4.646  -6.944  3.116   1.00 0.00 ? 16 DC  B C5     1 
ATOM   493 C C6     . DC  B 2 7 ? -5.859  -6.372  3.332   1.00 0.00 ? 16 DC  B C6     1 
ATOM   494 H "H5'"  . DC  B 2 7 ? -7.491  -2.468  5.831   1.00 0.00 ? 16 DC  B "H5'"  1 
ATOM   495 H "H5''" . DC  B 2 7 ? -9.187  -2.778  6.185   1.00 0.00 ? 16 DC  B "H5''" 1 
ATOM   496 H "H4'"  . DC  B 2 7 ? -8.901  -2.249  3.908   1.00 0.00 ? 16 DC  B "H4'"  1 
ATOM   497 H "H3'"  . DC  B 2 7 ? -10.326 -4.484  4.676   1.00 0.00 ? 16 DC  B "H3'"  1 
ATOM   498 H "H2'"  . DC  B 2 7 ? -8.478  -6.089  4.196   1.00 0.00 ? 16 DC  B "H2'"  1 
ATOM   499 H "H2''" . DC  B 2 7 ? -9.362  -6.077  2.674   1.00 0.00 ? 16 DC  B "H2''" 1 
ATOM   500 H "H1'"  . DC  B 2 7 ? -8.088  -4.507  1.691   1.00 0.00 ? 16 DC  B "H1'"  1 
ATOM   501 H H41    . DC  B 2 7 ? -2.255  -6.658  0.906   1.00 0.00 ? 16 DC  B H41    1 
ATOM   502 H H42    . DC  B 2 7 ? -2.277  -7.578  2.414   1.00 0.00 ? 16 DC  B H42    1 
ATOM   503 H H5     . DC  B 2 7 ? -4.275  -7.731  3.754   1.00 0.00 ? 16 DC  B H5     1 
ATOM   504 H H6     . DC  B 2 7 ? -6.542  -6.707  4.096   1.00 0.00 ? 16 DC  B H6     1 
ATOM   505 P P      . DA  B 2 8 ? -11.758 -4.511  2.134   1.00 0.00 ? 17 DA  B P      1 
ATOM   506 O OP1    . DA  B 2 8 ? -12.720 -3.475  1.687   1.00 0.00 ? 17 DA  B OP1    1 
ATOM   507 O OP2    . DA  B 2 8 ? -12.221 -5.580  3.048   1.00 0.00 ? 17 DA  B OP2    1 
ATOM   508 O "O5'"  . DA  B 2 8 ? -11.123 -5.201  0.842   1.00 0.00 ? 17 DA  B "O5'"  1 
ATOM   509 C "C5'"  . DA  B 2 8 ? -10.683 -4.402  -0.254  1.00 0.00 ? 17 DA  B "C5'"  1 
ATOM   510 C "C4'"  . DA  B 2 8 ? -10.384 -5.188  -1.539  1.00 0.00 ? 17 DA  B "C4'"  1 
ATOM   511 O "O4'"  . DA  B 2 8 ? -9.007  -5.544  -1.642  1.00 0.00 ? 17 DA  B "O4'"  1 
ATOM   512 C "C3'"  . DA  B 2 8 ? -11.254 -6.437  -1.747  1.00 0.00 ? 17 DA  B "C3'"  1 
ATOM   513 O "O3'"  . DA  B 2 8 ? -11.943 -6.296  -2.983  1.00 0.00 ? 17 DA  B "O3'"  1 
ATOM   514 C "C2'"  . DA  B 2 8 ? -10.226 -7.543  -1.713  1.00 0.00 ? 17 DA  B "C2'"  1 
ATOM   515 C "C1'"  . DA  B 2 8 ? -8.905  -6.886  -2.084  1.00 0.00 ? 17 DA  B "C1'"  1 
ATOM   516 N N9     . DA  B 2 8 ? -7.725  -7.525  -1.475  1.00 0.00 ? 17 DA  B N9     1 
ATOM   517 C C8     . DA  B 2 8 ? -7.599  -7.954  -0.191  1.00 0.00 ? 17 DA  B C8     1 
ATOM   518 N N7     . DA  B 2 8 ? -6.460  -8.526  0.099   1.00 0.00 ? 17 DA  B N7     1 
ATOM   519 C C5     . DA  B 2 8 ? -5.759  -8.427  -1.120  1.00 0.00 ? 17 DA  B C5     1 
ATOM   520 C C6     . DA  B 2 8 ? -4.458  -8.773  -1.565  1.00 0.00 ? 17 DA  B C6     1 
ATOM   521 N N6     . DA  B 2 8 ? -3.537  -9.358  -0.829  1.00 0.00 ? 17 DA  B N6     1 
ATOM   522 N N1     . DA  B 2 8 ? -4.049  -8.498  -2.809  1.00 0.00 ? 17 DA  B N1     1 
ATOM   523 C C2     . DA  B 2 8 ? -4.917  -7.916  -3.628  1.00 0.00 ? 17 DA  B C2     1 
ATOM   524 N N3     . DA  B 2 8 ? -6.167  -7.544  -3.370  1.00 0.00 ? 17 DA  B N3     1 
ATOM   525 C C4     . DA  B 2 8 ? -6.523  -7.820  -2.083  1.00 0.00 ? 17 DA  B C4     1 
ATOM   526 H "H5'"  . DA  B 2 8 ? -9.796  -3.839  0.035   1.00 0.00 ? 17 DA  B "H5'"  1 
ATOM   527 H "H5''" . DA  B 2 8 ? -11.459 -3.678  -0.500  1.00 0.00 ? 17 DA  B "H5''" 1 
ATOM   528 H "H4'"  . DA  B 2 8 ? -10.592 -4.521  -2.369  1.00 0.00 ? 17 DA  B "H4'"  1 
ATOM   529 H "H3'"  . DA  B 2 8 ? -11.944 -6.630  -0.932  1.00 0.00 ? 17 DA  B "H3'"  1 
ATOM   530 H "H2'"  . DA  B 2 8 ? -10.195 -7.924  -0.697  1.00 0.00 ? 17 DA  B "H2'"  1 
ATOM   531 H "H2''" . DA  B 2 8 ? -10.492 -8.310  -2.422  1.00 0.00 ? 17 DA  B "H2''" 1 
ATOM   532 H "H1'"  . DA  B 2 8 ? -8.806  -7.006  -3.150  1.00 0.00 ? 17 DA  B "H1'"  1 
ATOM   533 H H8     . DA  B 2 8 ? -8.400  -7.785  0.507   1.00 0.00 ? 17 DA  B H8     1 
ATOM   534 H H61    . DA  B 2 8 ? -3.749  -9.636  0.124   1.00 0.00 ? 17 DA  B H61    1 
ATOM   535 H H62    . DA  B 2 8 ? -2.626  -9.535  -1.219  1.00 0.00 ? 17 DA  B H62    1 
ATOM   536 H H2     . DA  B 2 8 ? -4.575  -7.646  -4.620  1.00 0.00 ? 17 DA  B H2     1 
ATOM   537 P P      . DT  B 2 9 ? -13.074 -7.290  -3.513  1.00 0.00 ? 18 DT  B P      1 
ATOM   538 O OP1    . DT  B 2 9 ? -13.802 -6.557  -4.570  1.00 0.00 ? 18 DT  B OP1    1 
ATOM   539 O OP2    . DT  B 2 9 ? -13.837 -7.853  -2.374  1.00 0.00 ? 18 DT  B OP2    1 
ATOM   540 O "O5'"  . DT  B 2 9 ? -12.245 -8.449  -4.229  1.00 0.00 ? 18 DT  B "O5'"  1 
ATOM   541 C "C5'"  . DT  B 2 9 ? -11.524 -8.118  -5.413  1.00 0.00 ? 18 DT  B "C5'"  1 
ATOM   542 C "C4'"  . DT  B 2 9 ? -10.407 -9.084  -5.795  1.00 0.00 ? 18 DT  B "C4'"  1 
ATOM   543 O "O4'"  . DT  B 2 9 ? -9.539  -9.287  -4.702  1.00 0.00 ? 18 DT  B "O4'"  1 
ATOM   544 C "C3'"  . DT  B 2 9 ? -10.807 -10.492 -6.237  1.00 0.00 ? 18 DT  B "C3'"  1 
ATOM   545 O "O3'"  . DT  B 2 9 ? -11.264 -10.560 -7.587  1.00 0.00 ? 18 DT  B "O3'"  1 
ATOM   546 C "C2'"  . DT  B 2 9 ? -9.464  -11.218 -6.063  1.00 0.00 ? 18 DT  B "C2'"  1 
ATOM   547 C "C1'"  . DT  B 2 9 ? -8.671  -10.334 -5.084  1.00 0.00 ? 18 DT  B "C1'"  1 
ATOM   548 N N1     . DT  B 2 9 ? -8.114  -11.056 -3.914  1.00 0.00 ? 18 DT  B N1     1 
ATOM   549 C C2     . DT  B 2 9 ? -6.798  -11.523 -4.004  1.00 0.00 ? 18 DT  B C2     1 
ATOM   550 O O2     . DT  B 2 9 ? -6.142  -11.520 -5.043  1.00 0.00 ? 18 DT  B O2     1 
ATOM   551 N N3     . DT  B 2 9 ? -6.224  -11.977 -2.844  1.00 0.00 ? 18 DT  B N3     1 
ATOM   552 C C4     . DT  B 2 9 ? -6.831  -12.027 -1.612  1.00 0.00 ? 18 DT  B C4     1 
ATOM   553 O O4     . DT  B 2 9 ? -6.179  -12.452 -0.662  1.00 0.00 ? 18 DT  B O4     1 
ATOM   554 C C5     . DT  B 2 9 ? -8.212  -11.547 -1.585  1.00 0.00 ? 18 DT  B C5     1 
ATOM   555 C C7     . DT  B 2 9 ? -8.993  -11.537 -0.281  1.00 0.00 ? 18 DT  B C7     1 
ATOM   556 C C6     . DT  B 2 9 ? -8.796  -11.088 -2.723  1.00 0.00 ? 18 DT  B C6     1 
ATOM   557 H "H5'"  . DT  B 2 9 ? -11.053 -7.142  -5.275  1.00 0.00 ? 18 DT  B "H5'"  1 
ATOM   558 H "H5''" . DT  B 2 9 ? -12.217 -8.025  -6.247  1.00 0.00 ? 18 DT  B "H5''" 1 
ATOM   559 H "H4'"  . DT  B 2 9 ? -9.844  -8.631  -6.612  1.00 0.00 ? 18 DT  B "H4'"  1 
ATOM   560 H "H3'"  . DT  B 2 9 ? -11.549 -10.892 -5.540  1.00 0.00 ? 18 DT  B "H3'"  1 
ATOM   561 H "HO3'" . DT  B 2 9 ? -12.082 -10.012 -7.685  1.00 0.00 ? 18 DT  B "HO3'" 1 
ATOM   562 H "H2'"  . DT  B 2 9 ? -9.626  -12.217 -5.654  1.00 0.00 ? 18 DT  B "H2'"  1 
ATOM   563 H "H2''" . DT  B 2 9 ? -8.926  -11.284 -7.009  1.00 0.00 ? 18 DT  B "H2''" 1 
ATOM   564 H "H1'"  . DT  B 2 9 ? -7.799  -9.846  -5.498  1.00 0.00 ? 18 DT  B "H1'"  1 
ATOM   565 H H3     . DT  B 2 9 ? -5.249  -12.228 -2.898  1.00 0.00 ? 18 DT  B H3     1 
ATOM   566 H H71    . DT  B 2 9 ? -9.084  -12.559 0.085   1.00 0.00 ? 18 DT  B H71    1 
ATOM   567 H H72    . DT  B 2 9 ? -9.992  -11.115 -0.415  1.00 0.00 ? 18 DT  B H72    1 
ATOM   568 H H73    . DT  B 2 9 ? -8.449  -10.965 0.469   1.00 0.00 ? 18 DT  B H73    1 
ATOM   569 H H6     . DT  B 2 9 ? -9.800  -10.705 -2.730  1.00 0.00 ? 18 DT  B H6     1 
# 
